data_7DCG
#
_entry.id   7DCG
#
_cell.length_a   116.375
_cell.length_b   116.375
_cell.length_c   107.011
_cell.angle_alpha   90.000
_cell.angle_beta   90.000
_cell.angle_gamma   90.000
#
_symmetry.space_group_name_H-M   'P 41 2 2'
#
loop_
_entity.id
_entity.type
_entity.pdbx_description
1 polymer Alpha-glycosidase
2 branched alpha-D-glucopyranose-(1-4)-alpha-D-glucopyranose-(1-4)-alpha-D-glucopyranose
3 non-polymer '2-(N-MORPHOLINO)-ETHANESULFONIC ACID'
4 non-polymer GLYCEROL
5 non-polymer 'CALCIUM ION'
6 non-polymer 'SULFATE ION'
7 water water
#
_entity_poly.entity_id   1
_entity_poly.type   'polypeptide(L)'
_entity_poly.pdbx_seq_one_letter_code
;MGNLAGIMHRPDSEMAYVVNEQTVNIRLRTAKDDIVSVELLAGDPYSLRSLPTDEKFYQVPKQMTKIMSDGISDFWQVTV
TEPKRRLAYAFLVTDMLGIQKIYSDKGFFKVADADLMDMNFYFRMPFFQTIDQYNAPEWVTDTVWYQIFPERFANGDVSN
DPVGTKPWDSTDHPGREDFYGGDLQGILDHLDHLQELGISGIYLNPIFQAPSNHKYDTQDYMTVDPHFGDAKLFKQLVQA
AHERGIRVMLDAVFNHIGDKSVQWQDVLKNEQASPYADWFHIHQFPATYTPTDNFEFAADATYDTFDYTPHMPKLNTSNP
EVVDYLLNIATYWVKEFDIDAWRLDVANEIDHHFWRKFHDAMMALKPDFYILGQIWHTSQSWLVGDEFTAVMNYSYTGAI
LQYFLENESADALVQKMSHQLMLYRDATNRMMFNTVDSHDTPRLMTLAHEDKQLAKSILTFTFMQPGVPSIYYGTEYGMT
GENDPDDRKPMVWQPELQDHDLYDFMQKLVQVRRQVIAKLSDDKIIFDVIGERQIRLTREDNQTRIVGVFNNGTTDLTVA
QPTSILLKTNQSETQLAPNDFMIWTEPVR
;
_entity_poly.pdbx_strand_id   A
#
loop_
_chem_comp.id
_chem_comp.type
_chem_comp.name
_chem_comp.formula
CA non-polymer 'CALCIUM ION' 'Ca 2'
GLC D-saccharide, alpha linking alpha-D-glucopyranose 'C6 H12 O6'
GOL non-polymer GLYCEROL 'C3 H8 O3'
MES non-polymer '2-(N-MORPHOLINO)-ETHANESULFONIC ACID' 'C6 H13 N O4 S'
SO4 non-polymer 'SULFATE ION' 'O4 S -2'
#
# COMPACT_ATOMS: atom_id res chain seq x y z
N GLY A 2 -26.62 23.28 -11.67
CA GLY A 2 -25.66 22.31 -11.16
C GLY A 2 -25.12 22.71 -9.82
N ASN A 3 -24.56 21.72 -9.17
CA ASN A 3 -23.91 21.89 -7.87
C ASN A 3 -22.46 22.33 -8.13
N LEU A 4 -22.26 23.62 -8.39
CA LEU A 4 -20.91 24.09 -8.72
C LEU A 4 -19.95 23.94 -7.53
N ALA A 5 -20.46 24.04 -6.28
CA ALA A 5 -19.58 23.85 -5.12
C ALA A 5 -19.00 22.42 -5.04
N GLY A 6 -19.63 21.46 -5.72
CA GLY A 6 -19.13 20.10 -5.73
C GLY A 6 -18.18 19.80 -6.86
N ILE A 7 -17.84 20.79 -7.69
CA ILE A 7 -16.96 20.58 -8.86
C ILE A 7 -15.57 21.07 -8.49
N MET A 8 -14.57 20.25 -8.72
CA MET A 8 -13.21 20.72 -8.42
C MET A 8 -12.17 20.05 -9.28
N HIS A 9 -11.21 20.85 -9.75
CA HIS A 9 -10.01 20.34 -10.36
C HIS A 9 -8.83 21.02 -9.69
N ARG A 10 -7.89 20.23 -9.17
CA ARG A 10 -6.65 20.75 -8.61
C ARG A 10 -5.52 20.50 -9.60
N PRO A 11 -4.97 21.53 -10.23
CA PRO A 11 -3.89 21.27 -11.19
C PRO A 11 -2.65 20.72 -10.49
N ASP A 12 -1.77 20.12 -11.29
CA ASP A 12 -0.49 19.59 -10.78
C ASP A 12 -0.67 18.73 -9.51
N SER A 13 -1.42 17.64 -9.65
CA SER A 13 -1.80 16.78 -8.51
C SER A 13 -2.17 15.41 -9.08
N GLU A 14 -2.79 14.54 -8.24
CA GLU A 14 -3.36 13.30 -8.76
C GLU A 14 -4.44 13.57 -9.82
N MET A 15 -4.96 14.81 -9.92
CA MET A 15 -5.94 15.16 -10.97
C MET A 15 -5.30 15.66 -12.27
N ALA A 16 -3.98 15.78 -12.33
CA ALA A 16 -3.33 16.28 -13.55
C ALA A 16 -1.85 15.88 -13.46
N TYR A 17 -1.48 14.78 -14.12
CA TYR A 17 -0.15 14.27 -13.94
C TYR A 17 0.39 13.62 -15.21
N VAL A 18 1.70 13.57 -15.27
CA VAL A 18 2.42 13.05 -16.45
C VAL A 18 2.51 11.53 -16.35
N VAL A 19 2.16 10.87 -17.45
CA VAL A 19 2.28 9.40 -17.59
C VAL A 19 3.52 9.03 -18.39
N ASN A 20 3.79 9.78 -19.46
CA ASN A 20 5.04 9.61 -20.20
C ASN A 20 5.36 10.91 -20.90
N GLU A 21 6.42 10.93 -21.72
CA GLU A 21 6.95 12.18 -22.26
C GLU A 21 5.87 13.01 -22.94
N GLN A 22 4.89 12.38 -23.62
CA GLN A 22 3.88 13.14 -24.36
C GLN A 22 2.47 12.97 -23.85
N THR A 23 2.26 12.34 -22.68
CA THR A 23 0.91 11.96 -22.30
C THR A 23 0.63 12.32 -20.85
N VAL A 24 -0.60 12.83 -20.61
CA VAL A 24 -1.03 13.17 -19.25
C VAL A 24 -2.38 12.55 -18.96
N ASN A 25 -2.65 12.35 -17.67
CA ASN A 25 -3.98 11.95 -17.20
C ASN A 25 -4.60 13.12 -16.46
N ILE A 26 -5.87 13.41 -16.77
CA ILE A 26 -6.57 14.52 -16.13
C ILE A 26 -7.87 14.01 -15.54
N ARG A 27 -8.17 14.46 -14.29
CA ARG A 27 -9.39 14.08 -13.59
C ARG A 27 -10.19 15.31 -13.18
N LEU A 28 -11.51 15.14 -13.06
CA LEU A 28 -12.39 16.15 -12.51
C LEU A 28 -13.31 15.50 -11.47
N ARG A 29 -13.53 16.20 -10.34
CA ARG A 29 -14.51 15.80 -9.35
CA ARG A 29 -14.52 15.80 -9.35
C ARG A 29 -15.79 16.60 -9.56
N THR A 30 -16.95 15.92 -9.49
CA THR A 30 -18.25 16.58 -9.52
C THR A 30 -19.11 16.02 -8.39
N ALA A 31 -20.25 16.65 -8.11
CA ALA A 31 -21.16 16.07 -7.11
C ALA A 31 -21.83 14.84 -7.73
N LYS A 32 -22.04 13.80 -6.91
CA LYS A 32 -22.61 12.53 -7.42
C LYS A 32 -23.91 12.74 -8.19
N ASP A 33 -23.94 12.21 -9.42
CA ASP A 33 -25.09 12.21 -10.32
C ASP A 33 -25.63 13.61 -10.65
N ASP A 34 -24.87 14.65 -10.41
CA ASP A 34 -25.29 16.02 -10.72
C ASP A 34 -24.90 16.43 -12.12
N ILE A 35 -23.79 15.90 -12.60
CA ILE A 35 -23.27 16.28 -13.93
C ILE A 35 -23.46 15.10 -14.86
N VAL A 36 -24.05 15.35 -16.04
CA VAL A 36 -24.37 14.31 -17.02
CA VAL A 36 -24.34 14.27 -16.97
C VAL A 36 -23.19 14.02 -17.96
N SER A 37 -22.39 15.05 -18.28
CA SER A 37 -21.29 14.90 -19.23
C SER A 37 -20.22 15.93 -18.96
N VAL A 38 -18.98 15.54 -19.29
CA VAL A 38 -17.84 16.44 -19.16
C VAL A 38 -17.00 16.25 -20.40
N GLU A 39 -16.68 17.35 -21.07
CA GLU A 39 -15.71 17.37 -22.16
C GLU A 39 -14.50 18.20 -21.74
N LEU A 40 -13.34 17.80 -22.23
CA LEU A 40 -12.11 18.53 -22.01
C LEU A 40 -11.78 19.35 -23.25
N LEU A 41 -11.49 20.64 -23.05
CA LEU A 41 -10.92 21.48 -24.10
C LEU A 41 -9.44 21.62 -23.80
N ALA A 42 -8.57 21.17 -24.70
CA ALA A 42 -7.15 21.11 -24.32
C ALA A 42 -6.25 21.18 -25.54
N GLY A 43 -5.10 21.83 -25.34
CA GLY A 43 -4.08 21.85 -26.39
C GLY A 43 -2.90 22.69 -25.95
N ASP A 44 -1.97 22.93 -26.90
CA ASP A 44 -0.79 23.73 -26.57
C ASP A 44 -1.22 25.18 -26.28
N PRO A 45 -0.92 25.73 -25.09
CA PRO A 45 -1.33 27.13 -24.80
C PRO A 45 -0.91 28.11 -25.86
N TYR A 46 0.31 27.97 -26.36
CA TYR A 46 0.86 28.97 -27.27
C TYR A 46 0.26 28.85 -28.67
N SER A 47 -0.41 27.73 -28.96
CA SER A 47 -0.96 27.57 -30.31
C SER A 47 -2.06 28.60 -30.59
N LEU A 48 -2.80 29.04 -29.56
CA LEU A 48 -3.97 29.88 -29.81
C LEU A 48 -3.58 31.13 -30.55
N ARG A 49 -2.56 31.84 -30.07
N ARG A 49 -2.57 31.85 -30.07
CA ARG A 49 -2.19 33.09 -30.71
CA ARG A 49 -2.23 33.07 -30.77
C ARG A 49 -0.91 33.04 -31.52
C ARG A 49 -0.99 32.99 -31.63
N SER A 50 -0.20 31.92 -31.53
CA SER A 50 1.01 31.87 -32.35
C SER A 50 0.81 31.19 -33.70
N LEU A 51 -0.10 30.22 -33.79
CA LEU A 51 -0.16 29.52 -35.08
C LEU A 51 -1.04 30.26 -36.07
N PRO A 52 -0.62 30.29 -37.35
CA PRO A 52 -1.39 31.03 -38.37
C PRO A 52 -2.71 30.36 -38.77
N THR A 53 -2.98 29.16 -38.33
CA THR A 53 -4.19 28.48 -38.74
C THR A 53 -5.46 29.05 -38.08
N ASP A 54 -6.60 28.80 -38.74
CA ASP A 54 -7.86 29.22 -38.16
C ASP A 54 -8.33 28.25 -37.10
N GLU A 55 -7.89 26.99 -37.19
CA GLU A 55 -8.27 25.98 -36.21
C GLU A 55 -7.72 26.33 -34.84
N LYS A 56 -8.51 26.10 -33.81
CA LYS A 56 -8.12 26.33 -32.42
C LYS A 56 -8.40 25.08 -31.61
N PHE A 57 -7.56 24.84 -30.59
CA PHE A 57 -7.70 23.54 -29.92
C PHE A 57 -9.05 23.41 -29.22
N TYR A 58 -9.66 24.52 -28.82
CA TYR A 58 -10.93 24.39 -28.08
C TYR A 58 -12.10 24.02 -29.00
N GLN A 59 -11.89 24.00 -30.29
CA GLN A 59 -12.96 23.64 -31.20
C GLN A 59 -13.17 22.13 -31.28
N VAL A 60 -12.29 21.33 -30.69
CA VAL A 60 -12.38 19.87 -30.78
C VAL A 60 -12.29 19.29 -29.37
N PRO A 61 -13.40 19.24 -28.66
CA PRO A 61 -13.41 18.66 -27.31
C PRO A 61 -13.08 17.18 -27.31
N LYS A 62 -12.61 16.74 -26.15
CA LYS A 62 -12.36 15.35 -25.81
C LYS A 62 -13.37 14.90 -24.74
N GLN A 63 -14.05 13.78 -24.95
CA GLN A 63 -14.98 13.31 -23.91
C GLN A 63 -14.21 12.75 -22.73
N MET A 64 -14.65 13.11 -21.53
CA MET A 64 -14.17 12.47 -20.33
C MET A 64 -15.15 11.36 -19.95
N THR A 65 -14.65 10.37 -19.22
CA THR A 65 -15.41 9.22 -18.79
C THR A 65 -15.61 9.25 -17.28
N LYS A 66 -16.85 9.01 -16.81
CA LYS A 66 -17.09 8.87 -15.35
C LYS A 66 -16.54 7.51 -14.93
N ILE A 67 -15.49 7.50 -14.12
CA ILE A 67 -14.85 6.23 -13.81
C ILE A 67 -15.20 5.64 -12.45
N MET A 68 -15.51 6.48 -11.48
CA MET A 68 -15.80 6.02 -10.13
C MET A 68 -16.76 7.00 -9.46
N SER A 69 -17.43 6.52 -8.40
CA SER A 69 -18.16 7.39 -7.49
C SER A 69 -17.94 6.94 -6.06
N ASP A 70 -17.80 7.90 -5.13
CA ASP A 70 -17.63 7.53 -3.72
C ASP A 70 -18.91 7.82 -2.92
N GLY A 71 -20.05 7.93 -3.58
CA GLY A 71 -21.31 8.23 -2.89
C GLY A 71 -21.57 9.70 -2.62
N ILE A 72 -20.53 10.53 -2.63
CA ILE A 72 -20.61 11.98 -2.47
C ILE A 72 -20.28 12.68 -3.78
N SER A 73 -19.20 12.23 -4.42
CA SER A 73 -18.68 12.80 -5.65
C SER A 73 -18.63 11.73 -6.72
N ASP A 74 -18.66 12.20 -7.96
CA ASP A 74 -18.28 11.42 -9.14
C ASP A 74 -16.90 11.88 -9.60
N PHE A 75 -16.14 10.98 -10.20
CA PHE A 75 -14.81 11.28 -10.70
C PHE A 75 -14.75 10.93 -12.17
N TRP A 76 -14.22 11.85 -12.98
CA TRP A 76 -14.15 11.76 -14.42
C TRP A 76 -12.68 11.76 -14.81
N GLN A 77 -12.33 11.07 -15.89
CA GLN A 77 -10.92 11.01 -16.29
C GLN A 77 -10.80 10.96 -17.81
N VAL A 78 -9.67 11.47 -18.29
CA VAL A 78 -9.32 11.37 -19.71
C VAL A 78 -7.80 11.40 -19.83
N THR A 79 -7.28 10.73 -20.85
CA THR A 79 -5.86 10.78 -21.14
C THR A 79 -5.69 11.70 -22.34
N VAL A 80 -4.64 12.54 -22.32
CA VAL A 80 -4.39 13.50 -23.40
C VAL A 80 -2.96 13.33 -23.89
N THR A 81 -2.76 13.31 -25.22
CA THR A 81 -1.43 13.34 -25.79
C THR A 81 -1.16 14.66 -26.48
N GLU A 82 0.04 15.20 -26.30
CA GLU A 82 0.33 16.50 -26.87
C GLU A 82 1.78 16.55 -27.27
N PRO A 83 2.09 16.53 -28.58
CA PRO A 83 3.50 16.48 -29.00
C PRO A 83 4.32 17.68 -28.58
N LYS A 84 3.70 18.86 -28.38
CA LYS A 84 4.47 20.01 -27.92
C LYS A 84 4.75 19.97 -26.45
N ARG A 85 4.17 19.00 -25.72
N ARG A 85 4.19 19.02 -25.72
CA ARG A 85 4.46 18.76 -24.30
CA ARG A 85 4.52 18.78 -24.30
C ARG A 85 4.18 19.99 -23.44
C ARG A 85 4.12 19.95 -23.39
N ARG A 86 3.15 20.75 -23.82
CA ARG A 86 2.63 21.88 -23.04
C ARG A 86 1.12 21.80 -23.16
N LEU A 87 0.41 21.98 -22.04
CA LEU A 87 -1.05 21.80 -22.13
C LEU A 87 -1.80 22.85 -21.33
N ALA A 88 -2.74 23.48 -21.98
CA ALA A 88 -3.75 24.32 -21.37
C ALA A 88 -5.08 23.58 -21.49
N TYR A 89 -5.92 23.65 -20.46
CA TYR A 89 -7.17 22.88 -20.56
C TYR A 89 -8.26 23.49 -19.69
N ALA A 90 -9.50 23.17 -20.06
CA ALA A 90 -10.67 23.60 -19.29
C ALA A 90 -11.74 22.55 -19.50
N PHE A 91 -12.78 22.58 -18.64
CA PHE A 91 -13.82 21.55 -18.65
C PHE A 91 -15.16 22.12 -19.07
N LEU A 92 -15.83 21.44 -19.98
CA LEU A 92 -17.21 21.78 -20.31
CA LEU A 92 -17.20 21.79 -20.33
C LEU A 92 -18.11 20.81 -19.57
N VAL A 93 -18.85 21.33 -18.61
CA VAL A 93 -19.66 20.50 -17.70
C VAL A 93 -21.13 20.78 -17.96
N THR A 94 -21.95 19.73 -18.07
CA THR A 94 -23.39 19.91 -18.28
C THR A 94 -24.16 19.18 -17.20
N ASP A 95 -25.07 19.88 -16.51
CA ASP A 95 -25.80 19.27 -15.41
C ASP A 95 -27.08 18.57 -15.90
N MET A 96 -27.84 18.04 -14.95
CA MET A 96 -29.03 17.24 -15.27
C MET A 96 -30.15 18.03 -15.92
N LEU A 97 -30.15 19.33 -15.75
CA LEU A 97 -31.16 20.17 -16.39
C LEU A 97 -30.67 20.66 -17.72
N GLY A 98 -29.46 20.27 -18.13
CA GLY A 98 -28.95 20.70 -19.40
C GLY A 98 -28.23 22.02 -19.35
N ILE A 99 -27.83 22.48 -18.17
CA ILE A 99 -27.12 23.74 -18.10
C ILE A 99 -25.63 23.44 -18.24
N GLN A 100 -25.02 24.05 -19.24
CA GLN A 100 -23.62 23.82 -19.54
CA GLN A 100 -23.63 23.83 -19.60
C GLN A 100 -22.81 25.03 -19.14
N LYS A 101 -21.67 24.79 -18.49
CA LYS A 101 -20.73 25.86 -18.21
C LYS A 101 -19.34 25.39 -18.54
N ILE A 102 -18.45 26.35 -18.70
CA ILE A 102 -17.03 26.06 -18.79
CA ILE A 102 -17.02 26.05 -18.79
C ILE A 102 -16.39 26.33 -17.43
N TYR A 103 -15.54 25.41 -17.00
CA TYR A 103 -14.85 25.50 -15.72
C TYR A 103 -13.35 25.52 -15.98
N SER A 104 -12.69 26.57 -15.50
CA SER A 104 -11.28 26.75 -15.80
CA SER A 104 -11.28 26.73 -15.79
C SER A 104 -10.58 27.28 -14.56
N ASP A 105 -9.27 27.57 -14.72
CA ASP A 105 -8.51 28.18 -13.62
C ASP A 105 -9.11 29.52 -13.18
N LYS A 106 -9.90 30.16 -14.05
CA LYS A 106 -10.53 31.43 -13.73
C LYS A 106 -11.92 31.30 -13.16
N GLY A 107 -12.48 30.09 -13.06
CA GLY A 107 -13.79 29.88 -12.46
C GLY A 107 -14.79 29.32 -13.45
N PHE A 108 -16.06 29.65 -13.22
CA PHE A 108 -17.17 29.10 -14.02
C PHE A 108 -17.72 30.18 -14.92
N PHE A 109 -18.01 29.80 -16.17
CA PHE A 109 -18.46 30.76 -17.19
C PHE A 109 -19.50 30.13 -18.11
N LYS A 110 -20.44 30.91 -18.69
CA LYS A 110 -21.09 30.50 -19.94
C LYS A 110 -20.05 30.46 -21.05
N VAL A 111 -20.17 29.51 -21.99
CA VAL A 111 -19.18 29.39 -23.08
C VAL A 111 -19.02 30.73 -23.80
N ALA A 112 -20.13 31.42 -24.01
CA ALA A 112 -20.13 32.69 -24.74
C ALA A 112 -19.34 33.77 -24.04
N ASP A 113 -19.15 33.67 -22.74
CA ASP A 113 -18.41 34.66 -21.94
C ASP A 113 -16.96 34.24 -21.68
N ALA A 114 -16.56 33.07 -22.10
CA ALA A 114 -15.23 32.57 -21.77
C ALA A 114 -14.22 33.14 -22.77
N ASP A 115 -13.07 33.58 -22.26
CA ASP A 115 -12.00 34.11 -23.14
C ASP A 115 -11.11 32.98 -23.63
N LEU A 116 -11.67 32.19 -24.55
CA LEU A 116 -11.02 30.96 -24.98
C LEU A 116 -9.76 31.20 -25.80
N MET A 117 -9.57 32.41 -26.34
CA MET A 117 -8.33 32.71 -27.05
C MET A 117 -7.18 33.15 -26.14
N ASP A 118 -7.40 33.30 -24.84
CA ASP A 118 -6.36 33.72 -23.90
C ASP A 118 -5.78 32.48 -23.23
N MET A 119 -4.51 32.14 -23.50
CA MET A 119 -3.96 30.95 -22.86
C MET A 119 -4.06 31.01 -21.34
N ASN A 120 -4.11 32.22 -20.75
CA ASN A 120 -4.13 32.29 -19.30
C ASN A 120 -5.52 32.06 -18.69
N PHE A 121 -6.52 31.87 -19.53
CA PHE A 121 -7.86 31.49 -19.04
C PHE A 121 -7.83 30.10 -18.44
N TYR A 122 -6.99 29.24 -19.00
CA TYR A 122 -7.05 27.79 -18.81
C TYR A 122 -6.27 27.32 -17.57
N PHE A 123 -6.65 26.15 -17.03
CA PHE A 123 -5.70 25.41 -16.22
C PHE A 123 -4.48 25.06 -17.06
N ARG A 124 -3.35 24.82 -16.38
CA ARG A 124 -2.09 24.54 -17.08
C ARG A 124 -1.36 23.29 -16.57
N MET A 125 -0.89 22.43 -17.53
N MET A 125 -0.92 22.40 -17.49
CA MET A 125 0.27 21.52 -17.36
CA MET A 125 0.28 21.56 -17.24
C MET A 125 1.50 22.03 -18.14
C MET A 125 1.41 22.13 -18.10
N PRO A 126 2.38 22.85 -17.53
CA PRO A 126 3.10 23.84 -18.36
C PRO A 126 4.11 23.21 -19.29
N PHE A 127 4.82 22.20 -18.80
CA PHE A 127 5.67 21.42 -19.67
C PHE A 127 5.67 20.02 -19.07
N PHE A 128 5.65 18.99 -19.91
CA PHE A 128 5.50 17.64 -19.36
C PHE A 128 6.85 17.17 -18.82
N GLN A 129 7.02 17.14 -17.51
CA GLN A 129 8.35 16.86 -16.92
C GLN A 129 8.44 15.40 -16.43
N THR A 130 9.08 14.55 -17.22
CA THR A 130 9.21 13.19 -16.70
C THR A 130 10.07 13.12 -15.43
N ILE A 131 10.99 14.08 -15.22
CA ILE A 131 11.81 13.99 -14.00
C ILE A 131 10.94 14.14 -12.74
N ASP A 132 9.79 14.80 -12.89
CA ASP A 132 8.89 15.05 -11.74
C ASP A 132 7.79 13.98 -11.65
N GLN A 133 7.72 13.03 -12.58
CA GLN A 133 6.56 12.14 -12.59
C GLN A 133 6.70 10.97 -11.61
N TYR A 134 5.56 10.36 -11.32
CA TYR A 134 5.50 9.11 -10.56
C TYR A 134 5.87 7.94 -11.49
N ASN A 135 6.79 7.07 -10.99
CA ASN A 135 7.17 5.85 -11.67
C ASN A 135 6.89 4.63 -10.78
N ALA A 136 6.27 3.58 -11.34
CA ALA A 136 6.03 2.31 -10.60
C ALA A 136 7.02 1.25 -11.07
N PRO A 137 7.75 0.59 -10.18
CA PRO A 137 8.59 -0.56 -10.58
C PRO A 137 7.75 -1.74 -11.07
N GLU A 138 8.05 -2.21 -12.28
CA GLU A 138 7.21 -3.25 -12.90
C GLU A 138 7.23 -4.55 -12.10
N TRP A 139 8.35 -4.89 -11.44
CA TRP A 139 8.41 -6.20 -10.81
C TRP A 139 7.39 -6.38 -9.69
N VAL A 140 6.95 -5.27 -9.07
CA VAL A 140 6.03 -5.38 -7.96
C VAL A 140 4.70 -5.97 -8.43
N THR A 141 4.37 -5.73 -9.72
CA THR A 141 3.13 -6.22 -10.33
C THR A 141 2.97 -7.69 -10.11
N ASP A 142 4.06 -8.44 -10.19
CA ASP A 142 3.95 -9.89 -10.17
CA ASP A 142 3.99 -9.91 -10.17
C ASP A 142 4.23 -10.46 -8.79
N THR A 143 4.19 -9.63 -7.77
CA THR A 143 4.60 -10.09 -6.45
CA THR A 143 4.60 -10.05 -6.42
C THR A 143 3.40 -10.47 -5.57
N VAL A 144 3.60 -11.51 -4.77
CA VAL A 144 2.73 -11.81 -3.66
C VAL A 144 3.70 -11.90 -2.48
N TRP A 145 3.45 -11.10 -1.45
CA TRP A 145 4.36 -10.99 -0.33
C TRP A 145 3.99 -11.94 0.81
N TYR A 146 5.00 -12.26 1.62
CA TYR A 146 4.80 -13.04 2.84
C TYR A 146 5.52 -12.32 3.97
N GLN A 147 4.81 -11.96 5.04
CA GLN A 147 5.40 -11.18 6.11
C GLN A 147 5.85 -12.10 7.23
N ILE A 148 7.13 -12.01 7.57
CA ILE A 148 7.71 -12.81 8.64
C ILE A 148 8.12 -11.90 9.80
N PHE A 149 7.63 -12.24 11.00
CA PHE A 149 8.06 -11.63 12.29
C PHE A 149 9.15 -12.56 12.81
N PRO A 150 10.42 -12.25 12.64
CA PRO A 150 11.45 -13.33 12.63
C PRO A 150 11.60 -14.06 13.98
N GLU A 151 11.30 -13.43 15.12
CA GLU A 151 11.39 -14.15 16.40
C GLU A 151 10.45 -15.35 16.44
N ARG A 152 9.43 -15.39 15.58
CA ARG A 152 8.35 -16.37 15.73
C ARG A 152 8.15 -17.26 14.51
N PHE A 153 9.04 -17.23 13.53
CA PHE A 153 8.77 -18.02 12.32
C PHE A 153 9.40 -19.41 12.37
N ALA A 154 10.70 -19.49 12.64
CA ALA A 154 11.31 -20.81 12.83
C ALA A 154 12.62 -20.64 13.60
N ASN A 155 12.86 -21.52 14.59
CA ASN A 155 14.15 -21.56 15.26
C ASN A 155 15.03 -22.54 14.50
N GLY A 156 15.93 -22.01 13.66
CA GLY A 156 16.89 -22.83 12.96
C GLY A 156 18.20 -23.03 13.69
N ASP A 157 18.34 -22.47 14.90
CA ASP A 157 19.63 -22.58 15.60
C ASP A 157 19.37 -22.31 17.07
N VAL A 158 19.34 -23.37 17.91
CA VAL A 158 19.12 -23.12 19.35
C VAL A 158 20.31 -22.40 20.00
N SER A 159 21.49 -22.43 19.39
CA SER A 159 22.68 -21.90 20.05
C SER A 159 22.69 -20.38 20.12
N ASN A 160 21.83 -19.69 19.37
CA ASN A 160 21.75 -18.24 19.45
C ASN A 160 20.52 -17.79 20.21
N ASP A 161 19.83 -18.70 20.92
CA ASP A 161 18.56 -18.34 21.56
C ASP A 161 18.79 -17.38 22.75
N PRO A 162 17.89 -16.43 22.93
CA PRO A 162 17.92 -15.58 24.11
C PRO A 162 17.84 -16.39 25.39
N VAL A 163 18.37 -15.83 26.48
CA VAL A 163 18.12 -16.42 27.80
C VAL A 163 16.61 -16.49 28.04
N GLY A 164 16.15 -17.60 28.60
CA GLY A 164 14.74 -17.74 28.93
C GLY A 164 13.84 -18.13 27.76
N THR A 165 14.42 -18.53 26.65
CA THR A 165 13.62 -18.98 25.51
C THR A 165 12.70 -20.12 25.91
N LYS A 166 11.41 -20.02 25.48
CA LYS A 166 10.38 -20.99 25.78
C LYS A 166 10.30 -22.05 24.71
N PRO A 167 9.78 -23.24 25.04
CA PRO A 167 9.58 -24.26 24.02
C PRO A 167 8.67 -23.78 22.91
N TRP A 168 8.94 -24.23 21.70
CA TRP A 168 8.18 -23.77 20.52
C TRP A 168 6.78 -24.36 20.59
N ASP A 169 5.76 -23.51 20.75
CA ASP A 169 4.40 -24.02 20.91
C ASP A 169 3.46 -22.98 20.31
N SER A 170 2.90 -23.32 19.14
CA SER A 170 1.99 -22.46 18.40
C SER A 170 0.65 -22.30 19.12
N THR A 171 0.41 -23.07 20.18
CA THR A 171 -0.83 -22.91 20.94
C THR A 171 -0.67 -21.97 22.13
N ASP A 172 0.55 -21.52 22.43
CA ASP A 172 0.76 -20.53 23.48
C ASP A 172 0.05 -19.23 23.20
N HIS A 173 -0.23 -18.49 24.30
CA HIS A 173 -0.57 -17.07 24.19
C HIS A 173 0.63 -16.27 24.65
N PRO A 174 1.46 -15.74 23.72
CA PRO A 174 2.73 -15.14 24.15
C PRO A 174 2.51 -13.90 24.98
N GLY A 175 3.40 -13.74 25.94
CA GLY A 175 3.49 -12.47 26.65
C GLY A 175 4.31 -11.45 25.86
N ARG A 176 4.22 -10.20 26.33
CA ARG A 176 4.92 -9.11 25.65
C ARG A 176 6.42 -9.30 25.60
N GLU A 177 7.03 -9.98 26.59
CA GLU A 177 8.48 -10.05 26.67
C GLU A 177 9.01 -11.46 26.42
N ASP A 178 8.22 -12.33 25.81
CA ASP A 178 8.64 -13.71 25.61
C ASP A 178 9.64 -13.85 24.47
N PHE A 179 10.47 -14.90 24.53
CA PHE A 179 11.31 -15.28 23.39
C PHE A 179 11.08 -16.75 23.07
N TYR A 180 11.00 -17.05 21.79
CA TYR A 180 10.86 -18.42 21.31
C TYR A 180 12.05 -18.86 20.44
N GLY A 181 12.95 -17.95 20.09
CA GLY A 181 14.21 -18.36 19.46
C GLY A 181 14.21 -18.32 17.94
N GLY A 182 13.19 -17.75 17.32
CA GLY A 182 13.16 -17.70 15.86
C GLY A 182 14.32 -16.87 15.32
N ASP A 183 14.84 -17.23 14.13
CA ASP A 183 16.05 -16.57 13.66
C ASP A 183 16.17 -16.72 12.14
N LEU A 184 17.26 -16.16 11.59
CA LEU A 184 17.39 -16.18 10.12
C LEU A 184 17.62 -17.58 9.60
N GLN A 185 18.33 -18.44 10.34
CA GLN A 185 18.52 -19.79 9.82
C GLN A 185 17.18 -20.49 9.69
N GLY A 186 16.24 -20.18 10.58
CA GLY A 186 14.90 -20.76 10.45
C GLY A 186 14.20 -20.33 9.18
N ILE A 187 14.38 -19.06 8.77
CA ILE A 187 13.78 -18.65 7.50
C ILE A 187 14.43 -19.40 6.34
N LEU A 188 15.78 -19.45 6.35
CA LEU A 188 16.49 -20.19 5.30
C LEU A 188 15.96 -21.62 5.20
N ASP A 189 15.71 -22.24 6.38
CA ASP A 189 15.31 -23.63 6.43
C ASP A 189 13.96 -23.87 5.82
N HIS A 190 13.13 -22.83 5.75
CA HIS A 190 11.75 -23.00 5.25
C HIS A 190 11.47 -22.22 3.98
N LEU A 191 12.51 -21.86 3.22
CA LEU A 191 12.25 -21.23 1.92
C LEU A 191 11.43 -22.14 1.00
N ASP A 192 11.63 -23.47 1.09
CA ASP A 192 10.83 -24.43 0.30
C ASP A 192 9.34 -24.23 0.54
N HIS A 193 8.96 -24.01 1.80
CA HIS A 193 7.54 -23.76 2.11
C HIS A 193 7.03 -22.53 1.40
N LEU A 194 7.83 -21.47 1.41
CA LEU A 194 7.37 -20.24 0.76
C LEU A 194 7.28 -20.41 -0.75
N GLN A 195 8.26 -21.07 -1.35
CA GLN A 195 8.19 -21.31 -2.78
C GLN A 195 7.00 -22.19 -3.14
N GLU A 196 6.69 -23.20 -2.30
CA GLU A 196 5.55 -24.08 -2.58
C GLU A 196 4.22 -23.34 -2.46
N LEU A 197 4.16 -22.38 -1.54
CA LEU A 197 2.98 -21.55 -1.40
C LEU A 197 2.82 -20.62 -2.60
N GLY A 198 3.91 -20.31 -3.27
CA GLY A 198 3.90 -19.46 -4.43
C GLY A 198 4.24 -18.01 -4.17
N ILE A 199 4.78 -17.71 -3.01
CA ILE A 199 5.04 -16.30 -2.76
C ILE A 199 6.35 -15.88 -3.46
N SER A 200 6.46 -14.56 -3.74
CA SER A 200 7.58 -14.05 -4.51
C SER A 200 8.20 -12.81 -3.85
N GLY A 201 7.85 -12.55 -2.59
CA GLY A 201 8.48 -11.47 -1.86
C GLY A 201 8.39 -11.80 -0.39
N ILE A 202 9.46 -11.57 0.39
CA ILE A 202 9.42 -11.71 1.84
C ILE A 202 9.58 -10.33 2.45
N TYR A 203 8.69 -9.98 3.37
CA TYR A 203 8.76 -8.73 4.12
C TYR A 203 9.18 -9.14 5.54
N LEU A 204 10.36 -8.73 5.97
CA LEU A 204 10.81 -9.02 7.34
C LEU A 204 10.53 -7.82 8.25
N ASN A 205 10.01 -8.11 9.46
CA ASN A 205 10.04 -7.13 10.52
C ASN A 205 11.51 -6.91 10.95
N PRO A 206 11.80 -5.94 11.81
CA PRO A 206 13.20 -5.54 12.03
C PRO A 206 14.12 -6.69 12.43
N ILE A 207 15.37 -6.69 11.88
CA ILE A 207 16.34 -7.73 12.18
C ILE A 207 17.62 -7.18 12.75
N PHE A 208 17.69 -5.86 13.04
CA PHE A 208 18.96 -5.30 13.49
C PHE A 208 19.02 -5.38 15.03
N GLN A 209 20.24 -5.31 15.54
CA GLN A 209 20.46 -5.52 16.96
C GLN A 209 19.58 -4.60 17.81
N ALA A 210 18.85 -5.21 18.74
CA ALA A 210 17.88 -4.56 19.62
C ALA A 210 17.52 -5.50 20.76
N PRO A 211 17.17 -4.97 21.95
CA PRO A 211 16.98 -5.86 23.11
C PRO A 211 15.66 -6.62 23.14
N SER A 212 14.68 -6.22 22.37
CA SER A 212 13.32 -6.74 22.50
C SER A 212 13.08 -7.94 21.55
N ASN A 213 11.87 -8.53 21.65
CA ASN A 213 11.50 -9.59 20.69
C ASN A 213 11.03 -9.05 19.35
N HIS A 214 10.64 -7.77 19.27
CA HIS A 214 10.16 -7.17 18.05
C HIS A 214 11.19 -6.28 17.36
N LYS A 215 12.17 -5.79 18.14
CA LYS A 215 13.35 -5.08 17.63
C LYS A 215 13.02 -3.74 16.96
N TYR A 216 11.92 -3.10 17.38
CA TYR A 216 11.70 -1.70 16.95
C TYR A 216 12.43 -0.69 17.83
N ASP A 217 13.07 -1.12 18.91
CA ASP A 217 13.87 -0.22 19.77
C ASP A 217 15.35 -0.42 19.50
N THR A 218 15.75 0.06 18.32
CA THR A 218 17.04 -0.35 17.73
C THR A 218 18.21 0.05 18.62
N GLN A 219 19.14 -0.88 18.76
CA GLN A 219 20.41 -0.57 19.39
C GLN A 219 21.49 -0.25 18.36
N ASP A 220 21.58 -1.05 17.27
CA ASP A 220 22.60 -0.79 16.24
C ASP A 220 22.05 -1.20 14.89
N TYR A 221 21.84 -0.20 14.01
CA TYR A 221 21.29 -0.44 12.66
C TYR A 221 22.26 -1.15 11.72
N MET A 222 23.53 -1.21 12.08
CA MET A 222 24.55 -1.73 11.18
C MET A 222 24.92 -3.16 11.47
N THR A 223 24.17 -3.83 12.35
CA THR A 223 24.47 -5.20 12.78
C THR A 223 23.20 -6.04 12.81
N VAL A 224 23.21 -7.21 12.16
CA VAL A 224 22.10 -8.15 12.36
C VAL A 224 22.07 -8.54 13.82
N ASP A 225 20.90 -8.58 14.42
CA ASP A 225 20.85 -8.97 15.84
C ASP A 225 21.50 -10.33 16.00
N PRO A 226 22.39 -10.51 16.99
CA PRO A 226 23.12 -11.79 17.06
C PRO A 226 22.24 -12.95 17.50
N HIS A 227 21.04 -12.69 18.01
CA HIS A 227 20.14 -13.81 18.25
C HIS A 227 19.46 -14.25 16.97
N PHE A 228 19.49 -13.42 15.94
CA PHE A 228 18.97 -13.81 14.63
C PHE A 228 20.02 -14.36 13.69
N GLY A 229 21.25 -13.90 13.78
CA GLY A 229 22.26 -14.35 12.82
C GLY A 229 23.38 -13.33 12.74
N ASP A 230 24.05 -13.33 11.60
CA ASP A 230 25.17 -12.41 11.36
C ASP A 230 25.13 -12.02 9.90
N ALA A 231 26.05 -11.15 9.52
CA ALA A 231 26.03 -10.62 8.16
C ALA A 231 26.16 -11.74 7.14
N LYS A 232 27.07 -12.70 7.37
CA LYS A 232 27.27 -13.77 6.38
C LYS A 232 25.99 -14.56 6.17
N LEU A 233 25.26 -14.80 7.27
CA LEU A 233 24.00 -15.56 7.19
C LEU A 233 22.90 -14.76 6.50
N PHE A 234 22.83 -13.45 6.76
CA PHE A 234 21.83 -12.63 6.05
C PHE A 234 22.13 -12.60 4.55
N LYS A 235 23.42 -12.46 4.15
CA LYS A 235 23.74 -12.50 2.73
C LYS A 235 23.31 -13.83 2.13
N GLN A 236 23.58 -14.93 2.86
CA GLN A 236 23.17 -16.24 2.36
C GLN A 236 21.65 -16.30 2.15
N LEU A 237 20.90 -15.79 3.14
CA LEU A 237 19.43 -15.78 3.01
C LEU A 237 18.97 -14.99 1.78
N VAL A 238 19.48 -13.76 1.60
CA VAL A 238 19.02 -12.97 0.44
C VAL A 238 19.36 -13.70 -0.86
N GLN A 239 20.60 -14.23 -0.96
CA GLN A 239 20.95 -14.93 -2.21
C GLN A 239 20.05 -16.14 -2.43
N ALA A 240 19.68 -16.87 -1.35
CA ALA A 240 18.84 -18.07 -1.49
C ALA A 240 17.42 -17.70 -1.86
N ALA A 241 16.96 -16.57 -1.32
CA ALA A 241 15.63 -16.07 -1.68
C ALA A 241 15.62 -15.67 -3.16
N HIS A 242 16.64 -14.91 -3.59
CA HIS A 242 16.68 -14.48 -4.98
C HIS A 242 16.76 -15.67 -5.93
N GLU A 243 17.52 -16.72 -5.56
CA GLU A 243 17.64 -17.89 -6.40
C GLU A 243 16.29 -18.52 -6.64
N ARG A 244 15.39 -18.41 -5.65
CA ARG A 244 14.04 -18.94 -5.77
C ARG A 244 13.03 -17.97 -6.37
N GLY A 245 13.49 -16.82 -6.87
CA GLY A 245 12.58 -15.82 -7.41
C GLY A 245 11.83 -15.03 -6.33
N ILE A 246 12.42 -14.90 -5.13
CA ILE A 246 11.78 -14.22 -4.00
C ILE A 246 12.56 -12.96 -3.70
N ARG A 247 11.90 -11.80 -3.79
CA ARG A 247 12.50 -10.53 -3.41
C ARG A 247 12.47 -10.35 -1.88
N VAL A 248 13.29 -9.41 -1.39
CA VAL A 248 13.43 -9.21 0.05
C VAL A 248 13.21 -7.75 0.42
N MET A 249 12.31 -7.52 1.37
CA MET A 249 12.04 -6.18 1.90
C MET A 249 12.37 -6.16 3.38
N LEU A 250 13.18 -5.19 3.81
CA LEU A 250 13.49 -5.03 5.23
C LEU A 250 12.72 -3.85 5.82
N ASP A 251 12.66 -3.84 7.16
CA ASP A 251 11.97 -2.81 7.93
C ASP A 251 12.99 -1.76 8.40
N ALA A 252 12.83 -0.52 7.95
CA ALA A 252 13.64 0.65 8.35
C ALA A 252 12.92 1.41 9.47
N VAL A 253 13.52 1.42 10.66
CA VAL A 253 12.89 2.03 11.81
C VAL A 253 13.62 3.34 12.06
N PHE A 254 13.28 4.40 11.31
CA PHE A 254 14.07 5.62 11.33
C PHE A 254 13.40 6.73 12.11
N ASN A 255 12.18 6.55 12.60
CA ASN A 255 11.55 7.64 13.33
C ASN A 255 12.16 7.83 14.71
N HIS A 256 12.59 6.72 15.32
CA HIS A 256 13.04 6.72 16.70
C HIS A 256 14.11 5.64 16.78
N ILE A 257 14.94 5.75 17.81
CA ILE A 257 15.98 4.78 18.11
C ILE A 257 15.68 4.21 19.48
N GLY A 258 16.29 3.06 19.80
CA GLY A 258 16.12 2.50 21.14
C GLY A 258 16.98 3.23 22.17
N ASP A 259 16.52 3.20 23.40
CA ASP A 259 17.28 3.85 24.44
C ASP A 259 18.54 3.12 24.86
N LYS A 260 18.81 1.91 24.38
CA LYS A 260 20.09 1.26 24.64
C LYS A 260 21.10 1.49 23.52
N SER A 261 20.76 2.32 22.53
CA SER A 261 21.74 2.67 21.50
C SER A 261 22.92 3.45 22.09
N VAL A 262 24.07 3.36 21.43
CA VAL A 262 25.23 4.16 21.83
C VAL A 262 24.86 5.63 21.93
N GLN A 263 24.08 6.10 20.96
CA GLN A 263 23.79 7.55 20.87
C GLN A 263 22.97 8.02 22.07
N TRP A 264 21.87 7.28 22.38
CA TRP A 264 21.06 7.67 23.53
C TRP A 264 21.82 7.50 24.85
N GLN A 265 22.60 6.40 24.99
CA GLN A 265 23.37 6.25 26.22
C GLN A 265 24.35 7.38 26.40
N ASP A 266 24.89 7.91 25.29
CA ASP A 266 25.81 9.04 25.39
C ASP A 266 25.09 10.29 25.88
N VAL A 267 23.84 10.49 25.42
CA VAL A 267 23.05 11.59 25.94
C VAL A 267 22.79 11.43 27.44
N LEU A 268 22.53 10.21 27.90
CA LEU A 268 22.32 10.01 29.33
C LEU A 268 23.59 10.27 30.14
N LYS A 269 24.75 9.96 29.59
CA LYS A 269 26.00 10.20 30.30
C LYS A 269 26.41 11.67 30.28
N ASN A 270 26.33 12.30 29.12
CA ASN A 270 26.96 13.61 28.93
C ASN A 270 25.96 14.76 28.86
N GLU A 271 24.66 14.49 28.85
CA GLU A 271 23.61 15.52 28.79
C GLU A 271 23.83 16.38 27.55
N GLN A 272 23.68 17.70 27.67
CA GLN A 272 23.73 18.51 26.46
C GLN A 272 25.14 18.56 25.88
N ALA A 273 26.18 18.18 26.63
CA ALA A 273 27.52 18.13 26.03
C ALA A 273 27.73 16.86 25.19
N SER A 274 26.72 16.01 25.10
CA SER A 274 26.84 14.85 24.22
C SER A 274 26.97 15.30 22.77
N PRO A 275 27.87 14.68 21.98
CA PRO A 275 27.84 14.91 20.53
C PRO A 275 26.53 14.52 19.88
N TYR A 276 25.67 13.76 20.56
CA TYR A 276 24.41 13.32 19.99
C TYR A 276 23.22 14.09 20.53
N ALA A 277 23.43 15.09 21.39
CA ALA A 277 22.28 15.80 21.96
C ALA A 277 21.29 16.31 20.90
N ASP A 278 21.80 16.86 19.79
CA ASP A 278 20.89 17.40 18.78
C ASP A 278 20.47 16.34 17.74
N TRP A 279 20.81 15.06 17.95
CA TRP A 279 20.20 14.00 17.18
C TRP A 279 18.80 13.67 17.66
N PHE A 280 18.36 14.26 18.78
CA PHE A 280 17.10 13.96 19.41
C PHE A 280 16.28 15.21 19.57
N HIS A 281 15.15 15.08 20.26
CA HIS A 281 14.24 16.22 20.53
C HIS A 281 14.12 16.36 22.05
N ILE A 282 15.14 16.92 22.68
CA ILE A 282 15.20 16.95 24.13
C ILE A 282 14.78 18.34 24.61
N HIS A 283 13.71 18.38 25.40
CA HIS A 283 13.17 19.64 25.88
C HIS A 283 13.90 20.14 27.12
N GLN A 284 14.35 19.25 27.97
CA GLN A 284 14.99 19.60 29.20
C GLN A 284 16.05 18.54 29.50
N PHE A 285 17.21 18.98 29.88
CA PHE A 285 18.26 18.09 30.37
C PHE A 285 18.27 18.10 31.88
N PRO A 286 18.68 16.99 32.50
CA PRO A 286 18.99 15.69 31.90
C PRO A 286 17.73 15.08 31.30
N ALA A 287 17.93 14.24 30.30
CA ALA A 287 16.79 13.55 29.71
C ALA A 287 16.26 12.54 30.70
N THR A 288 15.00 12.70 31.13
CA THR A 288 14.50 11.84 32.18
C THR A 288 13.01 11.57 31.96
N TYR A 289 12.50 10.65 32.77
CA TYR A 289 11.08 10.31 32.79
C TYR A 289 10.80 9.60 34.12
N THR A 290 9.50 9.59 34.52
CA THR A 290 9.09 8.83 35.69
C THR A 290 8.58 7.47 35.27
N PRO A 291 9.16 6.38 35.72
CA PRO A 291 8.68 5.07 35.28
C PRO A 291 7.29 4.82 35.82
N THR A 292 6.52 4.02 35.08
CA THR A 292 5.21 3.53 35.50
C THR A 292 5.20 2.01 35.47
N ASP A 293 4.09 1.44 35.93
CA ASP A 293 3.95 -0.01 35.91
C ASP A 293 3.87 -0.58 34.51
N ASN A 294 3.66 0.25 33.49
CA ASN A 294 3.72 -0.18 32.10
C ASN A 294 5.08 0.25 31.54
N PHE A 295 5.92 -0.73 31.18
N PHE A 295 5.93 -0.71 31.15
CA PHE A 295 7.24 -0.46 30.62
CA PHE A 295 7.25 -0.29 30.70
C PHE A 295 7.17 0.54 29.46
C PHE A 295 7.21 0.51 29.41
N GLU A 296 6.09 0.47 28.68
CA GLU A 296 5.97 1.22 27.44
C GLU A 296 5.28 2.56 27.60
N PHE A 297 5.08 3.01 28.84
CA PHE A 297 4.41 4.29 29.04
C PHE A 297 5.12 5.16 30.07
N ALA A 298 5.36 6.42 29.74
CA ALA A 298 5.68 7.44 30.75
C ALA A 298 4.91 8.70 30.42
N ALA A 299 4.47 9.41 31.46
CA ALA A 299 3.63 10.60 31.28
C ALA A 299 4.45 11.87 31.07
N ASP A 300 5.74 11.85 31.40
CA ASP A 300 6.45 13.11 31.58
C ASP A 300 7.88 13.09 31.03
N ALA A 301 8.17 12.24 30.03
CA ALA A 301 9.54 12.21 29.50
C ALA A 301 9.90 13.61 28.99
N THR A 302 11.16 14.02 29.23
CA THR A 302 11.57 15.36 28.81
C THR A 302 12.07 15.39 27.38
N TYR A 303 11.71 14.40 26.58
CA TYR A 303 12.13 14.32 25.20
C TYR A 303 10.99 13.70 24.41
N ASP A 304 10.88 14.08 23.13
CA ASP A 304 9.85 13.46 22.29
C ASP A 304 10.16 11.98 22.05
N THR A 305 9.11 11.18 21.98
CA THR A 305 9.22 9.74 21.84
C THR A 305 8.23 9.25 20.79
N PHE A 306 8.46 8.03 20.30
CA PHE A 306 7.35 7.31 19.69
C PHE A 306 6.23 7.21 20.75
N ASP A 307 4.98 7.50 20.36
CA ASP A 307 3.83 7.36 21.27
C ASP A 307 4.21 8.01 22.60
N TYR A 308 4.08 7.30 23.72
CA TYR A 308 4.52 7.80 25.03
C TYR A 308 5.53 6.83 25.65
N THR A 309 6.26 6.09 24.80
CA THR A 309 7.22 5.16 25.41
C THR A 309 8.59 5.82 25.61
N PRO A 310 9.11 5.79 26.84
CA PRO A 310 10.41 6.43 27.12
C PRO A 310 11.57 5.68 26.51
N HIS A 311 11.34 4.47 25.99
CA HIS A 311 12.42 3.66 25.45
C HIS A 311 12.66 3.90 23.96
N MET A 312 11.85 4.75 23.31
CA MET A 312 12.01 5.04 21.87
C MET A 312 12.12 6.54 21.64
N PRO A 313 13.24 7.16 22.04
CA PRO A 313 13.41 8.60 21.73
C PRO A 313 13.32 8.86 20.25
N LYS A 314 12.61 9.94 19.89
CA LYS A 314 12.46 10.35 18.48
C LYS A 314 13.79 10.91 17.96
N LEU A 315 14.15 10.50 16.76
CA LEU A 315 15.32 11.03 16.06
C LEU A 315 15.01 12.39 15.40
N ASN A 316 15.99 13.28 15.42
CA ASN A 316 15.84 14.57 14.77
C ASN A 316 16.36 14.44 13.32
N THR A 317 15.46 14.07 12.40
CA THR A 317 15.86 13.81 11.04
C THR A 317 16.06 15.11 10.24
N SER A 318 15.86 16.29 10.84
CA SER A 318 16.28 17.55 10.24
CA SER A 318 16.28 17.52 10.19
C SER A 318 17.76 17.83 10.40
N ASN A 319 18.41 17.17 11.35
CA ASN A 319 19.83 17.38 11.60
C ASN A 319 20.66 16.72 10.51
N PRO A 320 21.52 17.46 9.82
CA PRO A 320 22.30 16.84 8.72
C PRO A 320 23.12 15.64 9.14
N GLU A 321 23.59 15.58 10.40
CA GLU A 321 24.35 14.42 10.86
C GLU A 321 23.46 13.19 10.95
N VAL A 322 22.19 13.38 11.35
CA VAL A 322 21.25 12.25 11.40
C VAL A 322 20.88 11.84 10.00
N VAL A 323 20.65 12.82 9.10
CA VAL A 323 20.36 12.49 7.70
C VAL A 323 21.47 11.61 7.13
N ASP A 324 22.73 12.02 7.35
CA ASP A 324 23.83 11.27 6.79
C ASP A 324 23.91 9.86 7.39
N TYR A 325 23.72 9.77 8.71
CA TYR A 325 23.75 8.49 9.39
C TYR A 325 22.71 7.53 8.81
N LEU A 326 21.46 8.01 8.72
CA LEU A 326 20.36 7.16 8.23
C LEU A 326 20.55 6.80 6.76
N LEU A 327 21.00 7.75 5.92
CA LEU A 327 21.18 7.42 4.50
C LEU A 327 22.31 6.40 4.33
N ASN A 328 23.36 6.49 5.17
N ASN A 328 23.34 6.49 5.17
CA ASN A 328 24.42 5.50 5.12
CA ASN A 328 24.40 5.50 5.10
C ASN A 328 23.91 4.11 5.51
C ASN A 328 23.90 4.11 5.49
N ILE A 329 23.04 4.01 6.52
CA ILE A 329 22.40 2.73 6.86
C ILE A 329 21.58 2.23 5.68
N ALA A 330 20.69 3.09 5.16
CA ALA A 330 19.80 2.70 4.05
C ALA A 330 20.59 2.17 2.86
N THR A 331 21.71 2.84 2.53
CA THR A 331 22.58 2.47 1.42
CA THR A 331 22.46 2.39 1.38
C THR A 331 23.31 1.16 1.70
N TYR A 332 23.80 1.01 2.95
CA TYR A 332 24.60 -0.17 3.29
C TYR A 332 23.84 -1.46 3.03
N TRP A 333 22.61 -1.54 3.54
CA TRP A 333 21.93 -2.85 3.35
C TRP A 333 21.59 -3.14 1.90
N VAL A 334 21.33 -2.11 1.10
CA VAL A 334 21.04 -2.31 -0.32
C VAL A 334 22.33 -2.65 -1.07
N LYS A 335 23.39 -1.90 -0.85
CA LYS A 335 24.60 -2.08 -1.65
C LYS A 335 25.30 -3.38 -1.30
N GLU A 336 25.35 -3.72 0.00
CA GLU A 336 26.13 -4.86 0.43
C GLU A 336 25.33 -6.15 0.41
N PHE A 337 23.99 -6.08 0.56
CA PHE A 337 23.22 -7.31 0.64
C PHE A 337 22.18 -7.44 -0.45
N ASP A 338 22.03 -6.41 -1.32
CA ASP A 338 21.16 -6.49 -2.51
C ASP A 338 19.68 -6.64 -2.14
N ILE A 339 19.23 -6.08 -0.99
CA ILE A 339 17.79 -6.15 -0.73
C ILE A 339 17.03 -5.32 -1.80
N ASP A 340 15.73 -5.60 -1.92
CA ASP A 340 14.91 -5.07 -3.01
C ASP A 340 14.00 -3.93 -2.61
N ALA A 341 13.82 -3.70 -1.31
CA ALA A 341 12.77 -2.80 -0.87
C ALA A 341 13.01 -2.45 0.59
N TRP A 342 12.49 -1.28 1.00
CA TRP A 342 12.46 -0.88 2.39
C TRP A 342 11.02 -0.58 2.74
N ARG A 343 10.56 -1.14 3.86
CA ARG A 343 9.31 -0.78 4.51
C ARG A 343 9.65 0.21 5.62
N LEU A 344 9.00 1.38 5.61
CA LEU A 344 9.37 2.50 6.46
C LEU A 344 8.44 2.60 7.65
N ASP A 345 8.95 2.24 8.81
CA ASP A 345 8.13 2.28 10.03
C ASP A 345 7.76 3.74 10.44
N VAL A 346 6.49 3.96 10.82
CA VAL A 346 6.00 5.28 11.29
C VAL A 346 6.45 6.38 10.30
N ALA A 347 6.30 6.11 8.99
CA ALA A 347 6.96 6.93 7.98
C ALA A 347 6.42 8.34 7.98
N ASN A 348 5.15 8.50 8.33
CA ASN A 348 4.52 9.81 8.29
C ASN A 348 5.12 10.79 9.30
N GLU A 349 5.82 10.33 10.33
CA GLU A 349 6.28 11.25 11.36
C GLU A 349 7.71 11.76 11.08
N ILE A 350 8.31 11.37 9.93
CA ILE A 350 9.60 11.87 9.44
C ILE A 350 9.30 12.86 8.31
N ASP A 351 10.15 13.89 8.19
CA ASP A 351 9.87 14.99 7.27
C ASP A 351 10.07 14.62 5.80
N HIS A 352 9.35 15.37 4.94
CA HIS A 352 9.45 15.15 3.49
C HIS A 352 10.85 15.42 2.99
N HIS A 353 11.53 16.43 3.55
CA HIS A 353 12.90 16.70 3.10
C HIS A 353 13.79 15.46 3.20
N PHE A 354 13.68 14.75 4.34
CA PHE A 354 14.43 13.52 4.48
C PHE A 354 14.00 12.51 3.45
N TRP A 355 12.68 12.28 3.30
CA TRP A 355 12.24 11.23 2.37
C TRP A 355 12.63 11.50 0.93
N ARG A 356 12.72 12.78 0.52
CA ARG A 356 13.21 13.10 -0.84
C ARG A 356 14.68 12.72 -1.01
N LYS A 357 15.49 12.97 0.03
CA LYS A 357 16.89 12.53 -0.04
C LYS A 357 17.02 11.02 -0.04
N PHE A 358 16.19 10.35 0.76
CA PHE A 358 16.16 8.88 0.82
C PHE A 358 15.77 8.31 -0.55
N HIS A 359 14.71 8.86 -1.15
CA HIS A 359 14.28 8.42 -2.48
C HIS A 359 15.41 8.56 -3.48
N ASP A 360 16.06 9.74 -3.47
CA ASP A 360 17.10 9.97 -4.48
C ASP A 360 18.25 8.98 -4.29
N ALA A 361 18.59 8.68 -3.02
CA ALA A 361 19.70 7.77 -2.75
C ALA A 361 19.36 6.36 -3.20
N MET A 362 18.14 5.91 -2.90
CA MET A 362 17.76 4.54 -3.27
C MET A 362 17.69 4.37 -4.77
N MET A 363 17.10 5.36 -5.47
CA MET A 363 16.92 5.20 -6.92
C MET A 363 18.26 5.29 -7.65
N ALA A 364 19.23 6.01 -7.08
CA ALA A 364 20.55 6.05 -7.66
C ALA A 364 21.26 4.71 -7.55
N LEU A 365 21.00 3.97 -6.47
CA LEU A 365 21.53 2.60 -6.35
C LEU A 365 20.77 1.60 -7.25
N LYS A 366 19.43 1.63 -7.19
CA LYS A 366 18.56 0.66 -7.86
C LYS A 366 17.37 1.40 -8.43
N PRO A 367 17.34 1.65 -9.71
CA PRO A 367 16.22 2.40 -10.29
C PRO A 367 14.86 1.80 -10.05
N ASP A 368 14.79 0.48 -9.87
CA ASP A 368 13.49 -0.16 -9.67
C ASP A 368 13.23 -0.43 -8.20
N PHE A 369 13.86 0.33 -7.29
CA PHE A 369 13.70 0.06 -5.87
C PHE A 369 12.26 0.31 -5.45
N TYR A 370 11.78 -0.43 -4.44
CA TYR A 370 10.41 -0.27 -3.93
C TYR A 370 10.47 0.34 -2.53
N ILE A 371 9.83 1.49 -2.34
CA ILE A 371 9.83 2.20 -1.05
C ILE A 371 8.41 2.20 -0.53
N LEU A 372 8.18 1.53 0.61
CA LEU A 372 6.82 1.33 1.12
C LEU A 372 6.70 2.03 2.46
N GLY A 373 5.82 3.03 2.56
CA GLY A 373 5.65 3.75 3.85
C GLY A 373 4.58 3.07 4.71
N GLN A 374 4.83 2.95 6.01
CA GLN A 374 3.77 2.53 6.94
C GLN A 374 3.00 3.77 7.40
N ILE A 375 1.81 3.99 6.85
CA ILE A 375 0.93 5.14 7.16
C ILE A 375 -0.49 4.61 7.14
N TRP A 376 -1.27 4.92 8.21
CA TRP A 376 -2.63 4.41 8.34
C TRP A 376 -3.67 5.34 7.76
N HIS A 377 -3.31 6.58 7.48
CA HIS A 377 -4.24 7.61 7.02
C HIS A 377 -3.91 8.00 5.59
N THR A 378 -4.67 8.94 5.02
CA THR A 378 -4.44 9.24 3.60
C THR A 378 -3.02 9.80 3.41
N SER A 379 -2.42 9.43 2.28
CA SER A 379 -0.98 9.52 2.10
C SER A 379 -0.59 10.25 0.83
N GLN A 380 -1.47 11.13 0.35
CA GLN A 380 -1.21 11.76 -0.94
C GLN A 380 0.15 12.43 -1.00
N SER A 381 0.51 13.20 0.05
CA SER A 381 1.74 14.01 -0.07
C SER A 381 3.01 13.17 -0.10
N TRP A 382 2.95 11.86 0.19
CA TRP A 382 4.17 11.02 0.10
C TRP A 382 4.19 10.21 -1.18
N LEU A 383 3.15 10.34 -2.02
CA LEU A 383 2.98 9.45 -3.19
C LEU A 383 2.95 10.23 -4.50
N VAL A 384 3.64 11.38 -4.53
CA VAL A 384 3.68 12.19 -5.75
C VAL A 384 4.65 11.61 -6.79
N GLY A 385 5.69 10.88 -6.35
CA GLY A 385 6.71 10.36 -7.24
C GLY A 385 8.14 10.63 -6.80
N ASP A 386 8.29 11.45 -5.76
CA ASP A 386 9.59 11.90 -5.25
C ASP A 386 9.92 11.40 -3.85
N GLU A 387 9.06 10.56 -3.27
CA GLU A 387 9.27 10.04 -1.92
C GLU A 387 9.00 8.53 -1.94
N PHE A 388 7.82 8.06 -1.55
CA PHE A 388 7.57 6.62 -1.54
C PHE A 388 7.02 6.13 -2.88
N THR A 389 7.10 4.81 -3.05
CA THR A 389 6.36 4.15 -4.12
C THR A 389 4.91 3.93 -3.72
N ALA A 390 4.68 3.58 -2.44
CA ALA A 390 3.35 3.18 -2.03
C ALA A 390 3.30 3.29 -0.53
N VAL A 391 2.12 3.04 0.06
CA VAL A 391 2.01 2.84 1.50
C VAL A 391 1.31 1.52 1.76
N MET A 392 1.44 1.05 3.00
N MET A 392 1.47 1.06 3.00
CA MET A 392 0.65 -0.09 3.45
CA MET A 392 0.58 0.05 3.56
C MET A 392 -0.81 0.37 3.52
C MET A 392 -0.84 0.50 3.37
N ASN A 393 -1.69 -0.37 2.86
CA ASN A 393 -2.99 0.13 2.45
C ASN A 393 -4.04 -0.12 3.53
N TYR A 394 -3.78 0.29 4.78
CA TYR A 394 -4.63 -0.06 5.90
C TYR A 394 -6.06 0.42 5.72
N SER A 395 -6.25 1.57 5.09
CA SER A 395 -7.62 2.10 4.99
C SER A 395 -8.46 1.25 4.04
N TYR A 396 -7.82 0.73 3.00
CA TYR A 396 -8.49 -0.06 1.96
C TYR A 396 -8.83 -1.45 2.48
N THR A 397 -7.84 -2.14 3.06
CA THR A 397 -8.15 -3.45 3.64
C THR A 397 -9.04 -3.31 4.87
N GLY A 398 -8.92 -2.23 5.62
CA GLY A 398 -9.82 -2.04 6.75
C GLY A 398 -11.27 -1.93 6.32
N ALA A 399 -11.52 -1.24 5.20
CA ALA A 399 -12.88 -1.17 4.69
C ALA A 399 -13.40 -2.54 4.26
N ILE A 400 -12.54 -3.33 3.63
CA ILE A 400 -12.93 -4.69 3.23
C ILE A 400 -13.31 -5.52 4.46
N LEU A 401 -12.45 -5.47 5.50
CA LEU A 401 -12.74 -6.21 6.73
C LEU A 401 -14.09 -5.78 7.32
N GLN A 402 -14.32 -4.46 7.38
CA GLN A 402 -15.56 -3.96 7.97
C GLN A 402 -16.78 -4.52 7.24
N TYR A 403 -16.71 -4.56 5.89
CA TYR A 403 -17.82 -5.11 5.11
C TYR A 403 -18.05 -6.58 5.45
N PHE A 404 -17.00 -7.38 5.34
CA PHE A 404 -17.23 -8.82 5.52
C PHE A 404 -17.62 -9.18 6.94
N LEU A 405 -17.12 -8.45 7.93
CA LEU A 405 -17.31 -8.85 9.30
C LEU A 405 -18.48 -8.19 9.95
N GLU A 406 -19.03 -7.13 9.37
CA GLU A 406 -20.20 -6.52 9.93
C GLU A 406 -21.33 -6.58 8.91
N ASN A 407 -22.28 -5.67 8.99
CA ASN A 407 -23.42 -5.87 8.12
C ASN A 407 -23.68 -4.66 7.26
N GLU A 408 -22.64 -3.94 6.87
CA GLU A 408 -22.93 -2.76 6.09
C GLU A 408 -23.30 -3.14 4.67
N SER A 409 -23.78 -2.14 3.95
CA SER A 409 -24.18 -2.41 2.59
C SER A 409 -22.96 -2.59 1.69
N ALA A 410 -23.20 -3.32 0.61
CA ALA A 410 -22.20 -3.36 -0.44
C ALA A 410 -21.93 -1.97 -1.02
N ASP A 411 -22.97 -1.11 -1.08
CA ASP A 411 -22.73 0.22 -1.59
C ASP A 411 -21.67 0.95 -0.76
N ALA A 412 -21.77 0.83 0.56
CA ALA A 412 -20.82 1.49 1.44
C ALA A 412 -19.39 1.06 1.16
N LEU A 413 -19.16 -0.24 0.99
CA LEU A 413 -17.82 -0.73 0.72
C LEU A 413 -17.34 -0.17 -0.61
N VAL A 414 -18.19 -0.24 -1.65
CA VAL A 414 -17.73 0.20 -2.95
C VAL A 414 -17.43 1.68 -2.92
N GLN A 415 -18.25 2.47 -2.20
CA GLN A 415 -17.95 3.88 -2.05
C GLN A 415 -16.58 4.13 -1.42
N LYS A 416 -16.28 3.41 -0.33
CA LYS A 416 -14.99 3.59 0.34
C LYS A 416 -13.82 3.22 -0.54
N MET A 417 -13.92 2.08 -1.25
CA MET A 417 -12.80 1.69 -2.12
C MET A 417 -12.63 2.67 -3.25
N SER A 418 -13.74 3.17 -3.81
CA SER A 418 -13.66 4.14 -4.89
C SER A 418 -13.02 5.44 -4.40
N HIS A 419 -13.39 5.88 -3.18
CA HIS A 419 -12.76 7.06 -2.61
C HIS A 419 -11.25 6.90 -2.53
N GLN A 420 -10.81 5.74 -2.04
CA GLN A 420 -9.38 5.47 -1.92
C GLN A 420 -8.69 5.54 -3.26
N LEU A 421 -9.22 4.83 -4.25
CA LEU A 421 -8.54 4.82 -5.54
C LEU A 421 -8.41 6.25 -6.10
N MET A 422 -9.44 7.08 -5.89
CA MET A 422 -9.38 8.41 -6.50
C MET A 422 -8.48 9.40 -5.73
N LEU A 423 -7.96 9.01 -4.58
CA LEU A 423 -6.93 9.83 -3.92
C LEU A 423 -5.59 9.85 -4.65
N TYR A 424 -5.29 8.82 -5.47
CA TYR A 424 -3.92 8.61 -5.91
C TYR A 424 -3.86 8.44 -7.42
N ARG A 425 -2.66 8.56 -7.97
CA ARG A 425 -2.45 8.26 -9.40
C ARG A 425 -2.74 6.78 -9.68
N ASP A 426 -3.14 6.47 -10.91
CA ASP A 426 -3.54 5.08 -11.20
C ASP A 426 -2.39 4.10 -10.91
N ALA A 427 -1.17 4.46 -11.36
CA ALA A 427 -0.04 3.55 -11.17
C ALA A 427 0.25 3.35 -9.68
N THR A 428 0.06 4.40 -8.87
CA THR A 428 0.28 4.28 -7.45
C THR A 428 -0.66 3.26 -6.85
N ASN A 429 -1.94 3.28 -7.26
CA ASN A 429 -2.89 2.33 -6.72
C ASN A 429 -2.43 0.90 -6.95
N ARG A 430 -1.75 0.64 -8.07
N ARG A 430 -1.73 0.64 -8.05
CA ARG A 430 -1.28 -0.73 -8.30
CA ARG A 430 -1.31 -0.74 -8.30
C ARG A 430 -0.14 -1.14 -7.36
C ARG A 430 -0.07 -1.12 -7.49
N MET A 431 0.56 -0.16 -6.80
CA MET A 431 1.72 -0.42 -5.94
C MET A 431 1.39 -0.51 -4.44
N MET A 432 0.17 -0.14 -4.05
CA MET A 432 -0.23 -0.17 -2.65
C MET A 432 -0.16 -1.59 -2.12
N PHE A 433 0.19 -1.72 -0.86
CA PHE A 433 0.48 -3.02 -0.23
C PHE A 433 -0.69 -3.45 0.64
N ASN A 434 -1.41 -4.50 0.22
CA ASN A 434 -2.65 -4.92 0.88
C ASN A 434 -2.43 -6.12 1.80
N THR A 435 -2.57 -5.94 3.11
CA THR A 435 -2.56 -7.09 4.02
C THR A 435 -3.75 -7.00 4.95
N VAL A 436 -4.41 -8.14 5.20
CA VAL A 436 -5.59 -8.07 6.06
C VAL A 436 -5.24 -8.18 7.54
N ASP A 437 -4.02 -8.59 7.88
CA ASP A 437 -3.59 -8.58 9.27
C ASP A 437 -2.06 -8.45 9.28
N SER A 438 -1.52 -8.28 10.44
CA SER A 438 -0.09 -8.03 10.62
C SER A 438 0.27 -8.27 12.07
N HIS A 439 1.51 -7.93 12.40
CA HIS A 439 2.02 -8.10 13.75
C HIS A 439 1.45 -7.05 14.70
N ASP A 440 0.62 -6.13 14.21
CA ASP A 440 -0.03 -5.11 15.06
C ASP A 440 -1.54 -5.19 15.14
N THR A 441 -2.18 -6.15 14.52
CA THR A 441 -3.62 -6.26 14.57
C THR A 441 -4.01 -7.70 14.89
N PRO A 442 -5.29 -7.96 15.14
CA PRO A 442 -5.71 -9.36 15.33
C PRO A 442 -5.60 -10.14 14.05
N ARG A 443 -5.41 -11.45 14.18
CA ARG A 443 -5.35 -12.32 13.02
C ARG A 443 -6.68 -12.46 12.33
N LEU A 444 -6.60 -12.67 11.01
CA LEU A 444 -7.79 -12.91 10.17
C LEU A 444 -8.68 -13.99 10.77
N MET A 445 -8.12 -15.15 11.12
CA MET A 445 -9.01 -16.22 11.52
C MET A 445 -9.71 -15.88 12.83
N THR A 446 -9.09 -15.05 13.68
CA THR A 446 -9.75 -14.60 14.91
C THR A 446 -10.82 -13.55 14.61
N LEU A 447 -10.52 -12.63 13.70
CA LEU A 447 -11.54 -11.63 13.34
C LEU A 447 -12.76 -12.29 12.72
N ALA A 448 -12.53 -13.38 11.98
CA ALA A 448 -13.62 -14.11 11.37
C ALA A 448 -14.29 -15.12 12.32
N HIS A 449 -13.91 -15.15 13.61
CA HIS A 449 -14.48 -16.09 14.58
C HIS A 449 -14.37 -17.52 14.10
N GLU A 450 -13.24 -17.82 13.46
CA GLU A 450 -12.88 -19.15 13.01
C GLU A 450 -13.84 -19.68 11.95
N ASP A 451 -14.52 -18.78 11.23
CA ASP A 451 -15.35 -19.11 10.07
C ASP A 451 -14.44 -19.13 8.88
N LYS A 452 -14.02 -20.33 8.47
CA LYS A 452 -13.01 -20.43 7.43
C LYS A 452 -13.55 -19.93 6.10
N GLN A 453 -14.83 -20.17 5.82
CA GLN A 453 -15.42 -19.70 4.56
C GLN A 453 -15.34 -18.17 4.47
N LEU A 454 -15.62 -17.52 5.59
CA LEU A 454 -15.53 -16.07 5.63
C LEU A 454 -14.10 -15.60 5.44
N ALA A 455 -13.14 -16.27 6.10
CA ALA A 455 -11.73 -15.95 5.89
C ALA A 455 -11.33 -16.05 4.42
N LYS A 456 -11.73 -17.15 3.77
CA LYS A 456 -11.45 -17.33 2.34
C LYS A 456 -12.06 -16.21 1.52
N SER A 457 -13.29 -15.80 1.86
CA SER A 457 -13.93 -14.71 1.11
C SER A 457 -13.12 -13.43 1.19
N ILE A 458 -12.71 -13.07 2.42
CA ILE A 458 -11.94 -11.85 2.65
C ILE A 458 -10.64 -11.88 1.86
N LEU A 459 -9.91 -13.00 1.97
CA LEU A 459 -8.64 -13.12 1.22
C LEU A 459 -8.85 -12.99 -0.27
N THR A 460 -9.88 -13.67 -0.80
CA THR A 460 -10.08 -13.67 -2.25
C THR A 460 -10.45 -12.29 -2.74
N PHE A 461 -11.36 -11.62 -2.02
CA PHE A 461 -11.76 -10.28 -2.41
C PHE A 461 -10.54 -9.35 -2.40
N THR A 462 -9.68 -9.48 -1.38
CA THR A 462 -8.51 -8.60 -1.27
C THR A 462 -7.51 -8.90 -2.39
N PHE A 463 -7.33 -10.18 -2.75
CA PHE A 463 -6.39 -10.55 -3.79
C PHE A 463 -6.87 -10.13 -5.18
N MET A 464 -8.15 -9.78 -5.35
CA MET A 464 -8.63 -9.25 -6.63
CA MET A 464 -8.65 -9.24 -6.61
C MET A 464 -8.39 -7.74 -6.77
N GLN A 465 -7.95 -7.05 -5.71
CA GLN A 465 -7.88 -5.57 -5.77
C GLN A 465 -6.62 -5.10 -6.53
N PRO A 466 -6.55 -3.79 -6.86
CA PRO A 466 -5.43 -3.34 -7.68
C PRO A 466 -4.09 -3.47 -6.98
N GLY A 467 -4.05 -3.25 -5.64
CA GLY A 467 -2.77 -3.27 -4.96
C GLY A 467 -2.21 -4.70 -4.86
N VAL A 468 -0.96 -4.78 -4.41
CA VAL A 468 -0.26 -6.05 -4.31
C VAL A 468 -0.58 -6.72 -2.98
N PRO A 469 -0.88 -8.00 -2.94
CA PRO A 469 -1.26 -8.63 -1.66
C PRO A 469 -0.08 -9.20 -0.89
N SER A 470 -0.28 -9.29 0.41
CA SER A 470 0.65 -9.89 1.34
C SER A 470 -0.09 -10.82 2.29
N ILE A 471 0.58 -11.92 2.66
CA ILE A 471 0.10 -12.93 3.60
C ILE A 471 0.95 -12.83 4.86
N TYR A 472 0.33 -12.60 6.04
CA TYR A 472 1.09 -12.63 7.31
C TYR A 472 1.38 -14.08 7.70
N TYR A 473 2.62 -14.37 8.13
CA TYR A 473 3.02 -15.78 8.35
C TYR A 473 1.97 -16.54 9.16
N GLY A 474 1.64 -17.77 8.71
CA GLY A 474 0.70 -18.61 9.41
C GLY A 474 -0.74 -18.43 8.97
N THR A 475 -1.04 -17.36 8.22
CA THR A 475 -2.40 -17.24 7.68
C THR A 475 -2.79 -18.49 6.86
N GLU A 476 -1.83 -19.03 6.13
CA GLU A 476 -2.08 -20.17 5.25
C GLU A 476 -2.45 -21.45 5.98
N TYR A 477 -2.21 -21.50 7.29
CA TYR A 477 -2.60 -22.65 8.08
C TYR A 477 -3.70 -22.33 9.08
N GLY A 478 -4.26 -21.10 9.04
CA GLY A 478 -5.38 -20.76 9.90
C GLY A 478 -5.00 -20.34 11.32
N MET A 479 -3.79 -19.76 11.51
CA MET A 479 -3.42 -19.35 12.88
C MET A 479 -4.37 -18.30 13.43
N THR A 480 -4.59 -18.38 14.74
CA THR A 480 -5.46 -17.47 15.44
C THR A 480 -4.62 -16.56 16.31
N GLY A 481 -5.24 -15.46 16.73
CA GLY A 481 -4.56 -14.55 17.66
C GLY A 481 -5.28 -13.22 17.74
N GLU A 482 -5.41 -12.71 18.97
CA GLU A 482 -5.89 -11.36 19.21
C GLU A 482 -4.77 -10.35 18.90
N ASN A 483 -4.94 -9.07 19.25
CA ASN A 483 -3.85 -8.21 18.81
CA ASN A 483 -3.89 -8.10 18.93
C ASN A 483 -2.60 -8.38 19.71
N ASP A 484 -1.52 -7.77 19.23
CA ASP A 484 -0.19 -7.78 19.80
C ASP A 484 -0.26 -7.81 21.33
N PRO A 485 0.33 -8.80 22.02
CA PRO A 485 1.29 -9.79 21.48
C PRO A 485 0.68 -11.10 20.94
N ASP A 486 -0.62 -11.25 21.05
CA ASP A 486 -1.26 -12.54 20.77
C ASP A 486 -1.27 -12.87 19.28
N ASP A 487 -0.96 -11.87 18.43
CA ASP A 487 -0.88 -12.12 16.99
C ASP A 487 0.52 -12.56 16.57
N ARG A 488 1.40 -12.83 17.55
CA ARG A 488 2.81 -13.18 17.31
C ARG A 488 3.08 -14.58 17.83
N LYS A 489 2.10 -15.49 17.68
CA LYS A 489 2.35 -16.86 18.16
C LYS A 489 3.48 -17.51 17.36
N PRO A 490 4.17 -18.48 17.96
CA PRO A 490 5.12 -19.30 17.17
C PRO A 490 4.40 -19.95 16.00
N MET A 491 5.06 -19.92 14.83
CA MET A 491 4.47 -20.49 13.62
C MET A 491 4.11 -21.97 13.82
N VAL A 492 2.99 -22.39 13.25
CA VAL A 492 2.51 -23.75 13.40
C VAL A 492 3.18 -24.67 12.36
N TRP A 493 4.12 -25.50 12.83
CA TRP A 493 4.80 -26.43 11.95
C TRP A 493 4.32 -27.85 12.13
N GLN A 494 3.50 -28.13 13.15
CA GLN A 494 3.03 -29.48 13.43
C GLN A 494 1.84 -29.80 12.53
N PRO A 495 1.94 -30.78 11.64
CA PRO A 495 0.83 -31.00 10.68
C PRO A 495 -0.51 -31.22 11.34
N GLU A 496 -0.56 -31.88 12.49
CA GLU A 496 -1.83 -32.13 13.16
CA GLU A 496 -1.84 -32.14 13.13
C GLU A 496 -2.56 -30.86 13.52
N LEU A 497 -1.83 -29.74 13.64
CA LEU A 497 -2.39 -28.45 14.04
C LEU A 497 -2.60 -27.48 12.89
N GLN A 498 -2.27 -27.88 11.67
CA GLN A 498 -2.37 -27.02 10.49
C GLN A 498 -3.67 -27.27 9.76
N ASP A 499 -4.30 -26.20 9.22
CA ASP A 499 -5.48 -26.37 8.37
C ASP A 499 -4.97 -26.62 6.94
N HIS A 500 -4.96 -27.88 6.52
CA HIS A 500 -4.44 -28.25 5.20
C HIS A 500 -5.37 -27.82 4.07
N ASP A 501 -6.68 -27.80 4.33
CA ASP A 501 -7.62 -27.29 3.34
C ASP A 501 -7.35 -25.80 3.06
N LEU A 502 -7.11 -25.02 4.12
CA LEU A 502 -6.85 -23.60 3.88
C LEU A 502 -5.54 -23.40 3.13
N TYR A 503 -4.52 -24.24 3.44
CA TYR A 503 -3.25 -24.12 2.72
C TYR A 503 -3.44 -24.41 1.25
N ASP A 504 -4.16 -25.47 0.93
N ASP A 504 -4.16 -25.48 0.92
CA ASP A 504 -4.43 -25.79 -0.48
CA ASP A 504 -4.44 -25.80 -0.49
C ASP A 504 -5.17 -24.65 -1.18
C ASP A 504 -5.16 -24.64 -1.17
N PHE A 505 -6.14 -24.07 -0.48
CA PHE A 505 -6.88 -22.94 -1.02
C PHE A 505 -5.95 -21.76 -1.29
N MET A 506 -5.06 -21.47 -0.34
CA MET A 506 -4.19 -20.31 -0.50
CA MET A 506 -4.18 -20.31 -0.51
C MET A 506 -3.23 -20.51 -1.67
N GLN A 507 -2.75 -21.75 -1.86
CA GLN A 507 -1.95 -22.01 -3.07
C GLN A 507 -2.71 -21.68 -4.33
N LYS A 508 -3.99 -22.09 -4.40
CA LYS A 508 -4.77 -21.83 -5.60
C LYS A 508 -5.00 -20.33 -5.78
N LEU A 509 -5.27 -19.63 -4.69
CA LEU A 509 -5.56 -18.20 -4.78
C LEU A 509 -4.31 -17.42 -5.22
N VAL A 510 -3.15 -17.79 -4.68
CA VAL A 510 -1.90 -17.17 -5.11
C VAL A 510 -1.69 -17.41 -6.60
N GLN A 511 -2.00 -18.63 -7.07
CA GLN A 511 -1.89 -18.93 -8.51
CA GLN A 511 -1.82 -18.85 -8.51
C GLN A 511 -2.80 -18.03 -9.34
N VAL A 512 -4.06 -17.87 -8.90
CA VAL A 512 -4.95 -16.97 -9.65
C VAL A 512 -4.34 -15.57 -9.73
N ARG A 513 -3.84 -15.07 -8.63
CA ARG A 513 -3.25 -13.73 -8.66
C ARG A 513 -2.05 -13.65 -9.60
N ARG A 514 -1.13 -14.61 -9.50
CA ARG A 514 0.10 -14.46 -10.27
C ARG A 514 -0.07 -14.83 -11.75
N GLN A 515 -0.89 -15.83 -12.04
CA GLN A 515 -1.02 -16.31 -13.40
C GLN A 515 -2.13 -15.66 -14.19
N VAL A 516 -3.11 -15.05 -13.51
CA VAL A 516 -4.21 -14.43 -14.23
C VAL A 516 -4.24 -12.93 -13.96
N ILE A 517 -4.42 -12.53 -12.71
CA ILE A 517 -4.62 -11.10 -12.44
C ILE A 517 -3.38 -10.29 -12.82
N ALA A 518 -2.22 -10.75 -12.40
CA ALA A 518 -1.01 -9.99 -12.66
C ALA A 518 -0.66 -9.91 -14.15
N LYS A 519 -1.25 -10.76 -14.98
CA LYS A 519 -0.86 -10.80 -16.38
C LYS A 519 -1.86 -10.12 -17.29
N LEU A 520 -2.87 -9.48 -16.74
CA LEU A 520 -3.66 -8.56 -17.53
C LEU A 520 -2.80 -7.37 -17.94
N SER A 521 -3.20 -6.70 -19.02
CA SER A 521 -2.43 -5.58 -19.57
C SER A 521 -3.27 -4.32 -19.38
N ASP A 522 -2.82 -3.42 -18.50
CA ASP A 522 -3.51 -2.17 -18.18
C ASP A 522 -5.01 -2.34 -18.05
N ASP A 523 -5.45 -3.08 -17.05
CA ASP A 523 -6.86 -3.42 -16.95
C ASP A 523 -7.67 -2.34 -16.25
N LYS A 524 -8.97 -2.43 -16.41
CA LYS A 524 -9.99 -1.61 -15.77
C LYS A 524 -10.60 -2.45 -14.66
N ILE A 525 -10.84 -1.87 -13.48
CA ILE A 525 -11.56 -2.57 -12.42
C ILE A 525 -12.95 -1.96 -12.36
N ILE A 526 -13.95 -2.81 -12.18
CA ILE A 526 -15.33 -2.38 -12.09
C ILE A 526 -15.94 -3.00 -10.84
N PHE A 527 -16.60 -2.18 -10.02
CA PHE A 527 -17.33 -2.63 -8.83
C PHE A 527 -18.82 -2.54 -9.12
N ASP A 528 -19.54 -3.66 -9.14
CA ASP A 528 -20.99 -3.66 -9.39
C ASP A 528 -21.69 -4.21 -8.14
N VAL A 529 -22.61 -3.44 -7.58
CA VAL A 529 -23.45 -3.93 -6.49
C VAL A 529 -24.66 -4.58 -7.16
N ILE A 530 -24.78 -5.89 -7.07
CA ILE A 530 -25.86 -6.61 -7.75
C ILE A 530 -26.98 -7.03 -6.82
N GLY A 531 -26.81 -6.84 -5.52
CA GLY A 531 -27.93 -7.16 -4.65
C GLY A 531 -27.57 -6.75 -3.25
N GLU A 532 -28.47 -7.01 -2.32
CA GLU A 532 -28.13 -6.77 -0.92
C GLU A 532 -26.94 -7.65 -0.49
N ARG A 533 -25.85 -6.96 -0.15
CA ARG A 533 -24.57 -7.57 0.19
C ARG A 533 -24.12 -8.58 -0.86
N GLN A 534 -24.30 -8.22 -2.13
CA GLN A 534 -23.83 -9.02 -3.26
C GLN A 534 -23.05 -8.12 -4.20
N ILE A 535 -21.79 -8.51 -4.49
CA ILE A 535 -20.86 -7.70 -5.24
C ILE A 535 -20.33 -8.50 -6.40
N ARG A 536 -20.27 -7.88 -7.59
CA ARG A 536 -19.58 -8.42 -8.74
C ARG A 536 -18.36 -7.54 -8.98
N LEU A 537 -17.18 -8.13 -8.88
CA LEU A 537 -15.91 -7.46 -9.15
CA LEU A 537 -15.93 -7.45 -9.15
C LEU A 537 -15.41 -7.89 -10.51
N THR A 538 -15.09 -6.94 -11.38
CA THR A 538 -14.57 -7.27 -12.70
C THR A 538 -13.22 -6.59 -12.94
N ARG A 539 -12.26 -7.36 -13.44
CA ARG A 539 -11.03 -6.75 -13.94
C ARG A 539 -10.90 -7.13 -15.41
N GLU A 540 -10.67 -6.15 -16.26
CA GLU A 540 -10.60 -6.55 -17.66
C GLU A 540 -9.64 -5.70 -18.46
N ASP A 541 -8.95 -6.35 -19.39
CA ASP A 541 -8.10 -5.70 -20.34
C ASP A 541 -8.75 -5.83 -21.73
N ASN A 542 -7.96 -5.71 -22.78
CA ASN A 542 -8.54 -5.83 -24.11
C ASN A 542 -8.83 -7.26 -24.53
N GLN A 543 -8.21 -8.27 -23.89
CA GLN A 543 -8.41 -9.67 -24.27
C GLN A 543 -9.24 -10.48 -23.27
N THR A 544 -9.07 -10.19 -21.97
CA THR A 544 -9.45 -11.06 -20.87
C THR A 544 -10.30 -10.30 -19.87
N ARG A 545 -11.36 -10.93 -19.37
CA ARG A 545 -12.12 -10.39 -18.27
C ARG A 545 -12.09 -11.44 -17.17
N ILE A 546 -11.73 -11.04 -15.95
CA ILE A 546 -11.86 -11.90 -14.77
C ILE A 546 -12.97 -11.32 -13.92
N VAL A 547 -13.89 -12.17 -13.48
CA VAL A 547 -15.07 -11.76 -12.76
C VAL A 547 -15.14 -12.55 -11.46
N GLY A 548 -15.40 -11.86 -10.35
CA GLY A 548 -15.66 -12.55 -9.12
C GLY A 548 -17.00 -12.10 -8.56
N VAL A 549 -17.84 -13.05 -8.19
CA VAL A 549 -19.11 -12.71 -7.54
C VAL A 549 -19.06 -13.19 -6.08
N PHE A 550 -19.45 -12.31 -5.16
CA PHE A 550 -19.38 -12.55 -3.72
C PHE A 550 -20.78 -12.39 -3.16
N ASN A 551 -21.30 -13.45 -2.55
CA ASN A 551 -22.64 -13.42 -1.98
C ASN A 551 -22.48 -13.35 -0.46
N ASN A 552 -22.67 -12.18 0.14
CA ASN A 552 -22.49 -12.06 1.59
C ASN A 552 -23.76 -11.62 2.26
N GLY A 553 -24.90 -11.93 1.62
CA GLY A 553 -26.20 -11.76 2.22
C GLY A 553 -26.62 -13.02 2.93
N THR A 554 -27.92 -13.15 3.18
CA THR A 554 -28.41 -14.32 3.90
C THR A 554 -29.27 -15.21 3.02
N THR A 555 -29.31 -14.97 1.72
CA THR A 555 -30.04 -15.79 0.77
C THR A 555 -29.09 -16.42 -0.22
N ASP A 556 -29.60 -17.41 -0.96
CA ASP A 556 -28.85 -17.98 -2.06
C ASP A 556 -28.89 -17.05 -3.27
N LEU A 557 -27.84 -17.10 -4.07
CA LEU A 557 -27.75 -16.32 -5.29
C LEU A 557 -27.48 -17.25 -6.48
N THR A 558 -28.24 -17.08 -7.56
CA THR A 558 -28.03 -17.87 -8.78
C THR A 558 -27.26 -17.04 -9.79
N VAL A 559 -26.23 -17.64 -10.38
CA VAL A 559 -25.57 -16.94 -11.47
C VAL A 559 -25.56 -17.87 -12.69
N ALA A 560 -25.37 -17.28 -13.86
CA ALA A 560 -25.19 -18.08 -15.07
C ALA A 560 -23.95 -18.97 -14.94
N GLN A 561 -24.06 -20.23 -15.42
CA GLN A 561 -22.92 -21.14 -15.36
C GLN A 561 -21.76 -20.58 -16.16
N PRO A 562 -20.64 -20.25 -15.54
CA PRO A 562 -19.48 -19.78 -16.33
C PRO A 562 -18.88 -20.94 -17.09
N THR A 563 -18.31 -20.63 -18.24
CA THR A 563 -17.63 -21.66 -19.00
C THR A 563 -16.28 -22.04 -18.39
N SER A 564 -15.58 -21.09 -17.76
CA SER A 564 -14.22 -21.33 -17.22
C SER A 564 -14.16 -20.82 -15.78
N ILE A 565 -14.51 -21.65 -14.81
CA ILE A 565 -14.41 -21.29 -13.41
C ILE A 565 -12.95 -21.44 -12.94
N LEU A 566 -12.43 -20.39 -12.26
CA LEU A 566 -11.07 -20.44 -11.69
C LEU A 566 -11.04 -20.86 -10.24
N LEU A 567 -12.05 -20.48 -9.46
CA LEU A 567 -11.99 -20.71 -8.04
C LEU A 567 -13.39 -20.51 -7.49
N LYS A 568 -13.89 -21.46 -6.70
CA LYS A 568 -15.21 -21.27 -6.11
C LYS A 568 -15.25 -22.08 -4.82
N THR A 569 -16.21 -21.73 -3.94
CA THR A 569 -16.36 -22.47 -2.69
C THR A 569 -17.53 -23.44 -2.62
N ASN A 570 -18.62 -23.19 -3.37
CA ASN A 570 -19.74 -24.14 -3.41
C ASN A 570 -19.43 -25.24 -4.43
N GLN A 571 -20.00 -26.44 -4.22
N GLN A 571 -20.02 -26.43 -4.18
CA GLN A 571 -19.83 -27.46 -5.25
CA GLN A 571 -19.96 -27.51 -5.17
C GLN A 571 -20.62 -27.14 -6.51
C GLN A 571 -20.58 -27.07 -6.50
N SER A 572 -21.66 -26.28 -6.42
CA SER A 572 -22.43 -25.88 -7.58
C SER A 572 -21.66 -24.95 -8.53
N GLU A 573 -21.93 -25.09 -9.83
CA GLU A 573 -21.42 -24.10 -10.79
C GLU A 573 -22.38 -22.95 -11.05
N THR A 574 -23.54 -22.90 -10.38
CA THR A 574 -24.50 -21.82 -10.59
C THR A 574 -25.05 -21.19 -9.30
N GLN A 575 -24.97 -21.87 -8.17
CA GLN A 575 -25.58 -21.39 -6.94
C GLN A 575 -24.47 -21.00 -5.98
N LEU A 576 -24.59 -19.81 -5.38
CA LEU A 576 -23.77 -19.35 -4.27
C LEU A 576 -24.64 -19.28 -3.02
N ALA A 577 -24.30 -20.06 -1.98
CA ALA A 577 -24.95 -19.90 -0.67
C ALA A 577 -24.36 -18.67 0.03
N PRO A 578 -24.91 -18.27 1.17
CA PRO A 578 -24.30 -17.18 1.94
C PRO A 578 -22.82 -17.42 2.24
N ASN A 579 -22.03 -16.38 1.97
CA ASN A 579 -20.59 -16.27 2.06
C ASN A 579 -19.84 -17.10 1.04
N ASP A 580 -20.53 -17.62 0.00
CA ASP A 580 -19.81 -18.24 -1.10
C ASP A 580 -19.32 -17.17 -2.09
N PHE A 581 -18.35 -17.55 -2.91
CA PHE A 581 -17.94 -16.70 -4.02
C PHE A 581 -17.56 -17.59 -5.20
N MET A 582 -17.48 -16.97 -6.37
CA MET A 582 -17.06 -17.72 -7.56
C MET A 582 -16.30 -16.76 -8.46
N ILE A 583 -15.12 -17.19 -8.90
CA ILE A 583 -14.27 -16.41 -9.81
C ILE A 583 -14.20 -17.15 -11.12
N TRP A 584 -14.35 -16.44 -12.22
CA TRP A 584 -14.25 -17.07 -13.53
C TRP A 584 -13.58 -16.13 -14.51
N THR A 585 -13.23 -16.68 -15.65
CA THR A 585 -12.61 -15.88 -16.71
C THR A 585 -13.36 -16.06 -18.03
N GLU A 586 -13.40 -14.99 -18.83
CA GLU A 586 -14.13 -15.03 -20.09
C GLU A 586 -13.46 -14.09 -21.08
N PRO A 587 -13.55 -14.39 -22.38
CA PRO A 587 -13.04 -13.47 -23.39
C PRO A 587 -13.91 -12.23 -23.49
N VAL A 588 -13.32 -11.11 -23.84
CA VAL A 588 -14.08 -9.87 -23.98
C VAL A 588 -14.68 -9.78 -25.39
N ARG A 589 -15.99 -9.51 -25.46
CA ARG A 589 -16.75 -9.43 -26.73
C ARG A 589 -17.27 -8.01 -27.09
C1 GLC B . 0.60 3.97 15.06
C2 GLC B . 1.84 4.22 14.20
C3 GLC B . 2.36 2.94 13.58
C4 GLC B . 2.81 2.06 14.79
C5 GLC B . 1.50 1.73 15.52
C6 GLC B . 1.59 0.70 16.63
O1 GLC B . -0.40 3.37 14.24
O2 GLC B . 1.45 5.09 13.14
O3 GLC B . 3.56 3.32 12.90
O4 GLC B . 3.30 0.83 14.36
O5 GLC B . 0.95 2.96 16.03
O6 GLC B . 2.39 1.18 17.71
C1 GLC B . 4.68 0.65 13.97
C2 GLC B . 5.06 -0.82 13.93
C3 GLC B . 4.83 -1.40 15.35
C4 GLC B . 5.89 -0.77 16.23
C5 GLC B . 5.72 0.73 16.21
C6 GLC B . 6.92 1.47 16.82
O2 GLC B . 4.34 -1.54 12.93
O3 GLC B . 5.01 -2.84 15.39
O4 GLC B . 5.57 -1.22 17.57
O5 GLC B . 5.57 1.20 14.86
O6 GLC B . 8.16 1.20 16.10
C1 GLC B . 6.66 -1.77 18.33
C2 GLC B . 6.27 -3.16 18.82
C3 GLC B . 5.07 -3.14 19.72
C4 GLC B . 5.36 -2.12 20.84
C5 GLC B . 5.79 -0.75 20.30
C6 GLC B . 6.16 0.28 21.40
O2 GLC B . 5.98 -3.95 17.67
O3 GLC B . 4.87 -4.46 20.26
O4 GLC B . 4.14 -1.94 21.58
O5 GLC B . 6.93 -0.94 19.44
O6 GLC B . 7.15 -0.35 22.29
O1 MES C . 3.20 -29.20 22.69
C2 MES C . 4.43 -29.14 21.96
C3 MES C . 4.36 -28.17 20.82
N4 MES C . 3.24 -28.57 19.90
C5 MES C . 1.96 -28.62 20.69
C6 MES C . 2.13 -29.59 21.84
C7 MES C . 3.08 -27.65 18.73
C8 MES C . 4.20 -27.70 17.71
S MES C . 4.09 -26.25 16.67
O1S MES C . 5.20 -26.29 15.72
O2S MES C . 2.82 -26.34 15.99
O3S MES C . 4.20 -25.16 17.61
C1 GOL D . -3.81 5.07 1.81
O1 GOL D . -5.12 5.88 1.83
C2 GOL D . -3.70 3.87 2.77
O2 GOL D . -4.87 3.03 2.83
C3 GOL D . -3.08 4.39 4.20
O3 GOL D . -3.59 3.50 5.17
O1 MES E . -19.63 -21.87 15.92
C2 MES E . -19.75 -21.83 17.33
C3 MES E . -19.10 -20.59 17.90
N4 MES E . -17.66 -20.60 17.48
C5 MES E . -17.56 -20.64 15.99
C6 MES E . -18.28 -21.87 15.50
C7 MES E . -16.92 -19.45 18.08
C8 MES E . -15.51 -19.33 17.55
S MES E . -14.68 -17.98 18.34
O1S MES E . -13.40 -17.88 17.71
O2S MES E . -15.52 -16.83 18.12
O3S MES E . -14.61 -18.35 19.73
C1 GOL F . 1.21 -19.40 26.86
O1 GOL F . 2.29 -19.87 27.75
C2 GOL F . -0.23 -19.83 27.28
O2 GOL F . -0.48 -21.23 27.18
C3 GOL F . -0.44 -19.29 28.74
O3 GOL F . -1.34 -18.16 28.66
C1 GOL G . -5.95 0.51 -10.98
O1 GOL G . -6.44 -0.42 -11.89
C2 GOL G . -6.48 1.86 -11.50
O2 GOL G . -7.76 1.74 -12.17
C3 GOL G . -6.50 2.71 -10.22
O3 GOL G . -6.88 3.94 -10.59
CA CA H . 17.48 -19.45 17.58
S SO4 I . 28.56 -9.65 12.05
O1 SO4 I . 29.13 -10.46 11.02
O2 SO4 I . 29.11 -8.32 11.98
O3 SO4 I . 27.14 -9.60 11.89
O4 SO4 I . 28.90 -10.23 13.33
S SO4 J . -9.15 19.72 -3.43
O1 SO4 J . -8.41 19.47 -4.64
O2 SO4 J . -9.10 21.14 -3.11
O3 SO4 J . -10.51 19.33 -3.64
O4 SO4 J . -8.59 18.92 -2.34
S SO4 K . 1.87 4.02 37.93
O1 SO4 K . 1.59 2.95 37.01
O2 SO4 K . 1.77 5.29 37.25
O3 SO4 K . 0.94 3.99 39.02
O4 SO4 K . 3.21 3.86 38.44
S SO4 L . 21.02 -13.02 26.04
O1 SO4 L . 21.51 -13.19 24.69
O2 SO4 L . 21.10 -11.63 26.42
O3 SO4 L . 21.84 -13.81 26.91
O4 SO4 L . 19.65 -13.46 26.12
S SO4 M . -32.90 -18.55 0.00
O1 SO4 M . -33.12 -18.10 -1.35
O2 SO4 M . -33.54 -17.62 0.92
O3 SO4 M . -33.45 -19.88 0.19
O4 SO4 M . -31.49 -18.56 0.26
S SO4 N . 9.66 -26.66 4.36
O1 SO4 N . 10.43 -25.57 3.74
O2 SO4 N . 8.69 -27.18 3.39
O3 SO4 N . 8.93 -26.22 5.55
O4 SO4 N . 10.57 -27.75 4.74
#